data_4JFU
#
_entry.id   4JFU
#
_cell.length_a   68.030
_cell.length_b   95.400
_cell.length_c   96.930
_cell.angle_alpha   90.000
_cell.angle_beta   90.830
_cell.angle_gamma   90.000
#
_symmetry.space_group_name_H-M   'P 1 21 1'
#
loop_
_entity.id
_entity.type
_entity.pdbx_description
1 polymer alpha-L-fucosidase
2 non-polymer (2S,3R,4S,5S)-2-methyl-5-(4-methylphenyl)pyrrolidine-3,4-diol
3 non-polymer 'SULFATE ION'
4 non-polymer IMIDAZOLE
5 non-polymer GLYCEROL
6 water water
#
_entity_poly.entity_id   1
_entity_poly.type   'polypeptide(L)'
_entity_poly.pdbx_seq_one_letter_code
;EIPLKYGATNEGKRQDPAMQKFRDNRLGAFIHWGLYAIPGGEWNGKVYGGAAEWLKSWAKVPADEWLKLMDQWNPTKFDA
KKWAKMAKEMGTKYVKITTKHHEGFCLWPSKYTKYTVANTPYKRDILGELVKAYNDEGIDVHFYFSVMDWSNPDYRYDIK
SKEDSIAFSRFLEFTDNQLKELATRYPTVKDFWFDGTWDASVKKNGWWTAHAEQMLKELVPGVAINSRLRADDKGKRHFD
SNGRLMGDYESGYERRLPDPVKDLKVTQWDWEACMTIPENQWGYHKDWSLSYVKTPIEVIDRIVHAVSMGGNMVVNFGPQ
ADGDFRPEEKAMATAIGKWMNRYGKAVYACDYAGFEKQDWGYYTRGKNDEVYMVVFNQPYSERLIVKTPKGITVEKATLL
TTGEDITVVETTRNEYNVSVPKKNPGEPYVIQLKVRAAKGTKSIYRDALT
;
_entity_poly.pdbx_strand_id   A,B
#
# COMPACT_ATOMS: atom_id res chain seq x y z
N GLU A 1 -13.12 2.46 45.15
CA GLU A 1 -13.35 2.88 43.72
C GLU A 1 -13.03 4.35 43.48
N ILE A 2 -11.99 4.58 42.68
CA ILE A 2 -11.58 5.93 42.31
C ILE A 2 -12.28 6.26 40.98
N PRO A 3 -13.02 7.40 40.90
CA PRO A 3 -13.73 7.70 39.66
C PRO A 3 -12.72 8.19 38.63
N LEU A 4 -12.78 7.63 37.42
CA LEU A 4 -11.76 7.91 36.39
C LEU A 4 -12.43 8.10 35.07
N LYS A 5 -11.97 9.12 34.35
CA LYS A 5 -12.42 9.35 32.99
C LYS A 5 -11.57 8.60 31.96
N TYR A 6 -10.29 8.38 32.29
CA TYR A 6 -9.30 7.86 31.33
C TYR A 6 -8.64 6.56 31.81
N GLY A 7 -9.36 5.80 32.63
CA GLY A 7 -8.89 4.49 33.05
C GLY A 7 -9.30 3.41 32.08
N ALA A 8 -9.32 2.17 32.59
CA ALA A 8 -9.56 1.00 31.74
C ALA A 8 -10.88 1.02 30.96
N THR A 9 -10.88 0.45 29.74
CA THR A 9 -12.05 0.39 28.83
C THR A 9 -12.52 -1.04 28.57
N ASN A 10 -11.57 -2.00 28.54
CA ASN A 10 -11.91 -3.42 28.50
C ASN A 10 -12.17 -3.95 29.94
N GLU A 11 -13.20 -4.78 30.09
CA GLU A 11 -13.37 -5.64 31.27
C GLU A 11 -12.99 -7.07 30.85
N GLY A 12 -11.84 -7.57 31.27
CA GLY A 12 -11.43 -8.93 30.90
C GLY A 12 -10.82 -8.97 29.49
N LYS A 13 -10.49 -10.16 29.04
CA LYS A 13 -9.87 -10.33 27.72
C LYS A 13 -10.80 -10.01 26.58
N ARG A 14 -10.31 -9.27 25.58
CA ARG A 14 -11.06 -9.24 24.31
C ARG A 14 -11.19 -10.60 23.67
N GLN A 15 -12.39 -10.91 23.16
CA GLN A 15 -12.58 -12.16 22.46
C GLN A 15 -13.11 -12.02 21.04
N ASP A 16 -12.98 -10.81 20.47
CA ASP A 16 -13.31 -10.65 19.07
C ASP A 16 -12.24 -11.37 18.20
N PRO A 17 -12.54 -11.62 16.93
CA PRO A 17 -11.58 -12.41 16.16
C PRO A 17 -10.19 -11.79 16.02
N ALA A 18 -10.12 -10.46 15.94
CA ALA A 18 -8.80 -9.81 15.77
C ALA A 18 -7.97 -10.07 17.01
N MET A 19 -8.56 -9.99 18.21
CA MET A 19 -7.75 -10.27 19.41
C MET A 19 -7.42 -11.76 19.50
N GLN A 20 -8.36 -12.61 19.07
CA GLN A 20 -8.04 -14.02 19.06
C GLN A 20 -6.87 -14.32 18.14
N LYS A 21 -6.78 -13.60 17.02
CA LYS A 21 -5.68 -13.75 16.08
C LYS A 21 -4.35 -13.25 16.69
N PHE A 22 -4.38 -12.07 17.30
CA PHE A 22 -3.19 -11.51 17.98
C PHE A 22 -2.65 -12.56 18.97
N ARG A 23 -3.55 -13.15 19.76
CA ARG A 23 -3.16 -14.15 20.77
C ARG A 23 -2.68 -15.47 20.16
N ASP A 24 -3.45 -16.05 19.23
CA ASP A 24 -3.10 -17.33 18.65
C ASP A 24 -1.80 -17.29 17.87
N ASN A 25 -1.45 -16.12 17.32
CA ASN A 25 -0.15 -15.99 16.63
C ASN A 25 1.02 -16.47 17.53
N ARG A 26 0.96 -16.05 18.80
CA ARG A 26 1.93 -16.36 19.87
C ARG A 26 3.37 -15.91 19.68
N LEU A 27 3.96 -16.19 18.53
CA LEU A 27 5.43 -15.96 18.34
C LEU A 27 5.58 -14.86 17.30
N GLY A 28 6.28 -13.79 17.71
CA GLY A 28 6.54 -12.71 16.75
C GLY A 28 8.03 -12.40 16.70
N ALA A 29 8.41 -11.54 15.75
CA ALA A 29 9.75 -10.96 15.70
C ALA A 29 9.63 -9.48 15.86
N PHE A 30 10.64 -8.85 16.45
CA PHE A 30 10.68 -7.39 16.53
C PHE A 30 11.78 -6.94 15.57
N ILE A 31 11.57 -5.81 14.89
CA ILE A 31 12.65 -5.20 14.11
C ILE A 31 12.92 -3.82 14.69
N HIS A 32 14.15 -3.57 15.17
CA HIS A 32 14.58 -2.20 15.52
C HIS A 32 15.55 -1.78 14.46
N TRP A 33 15.13 -0.87 13.60
CA TRP A 33 15.97 -0.39 12.50
C TRP A 33 15.75 1.11 12.38
N GLY A 34 16.85 1.83 12.40
CA GLY A 34 16.81 3.31 12.32
C GLY A 34 18.23 3.81 12.15
N LEU A 35 18.41 5.11 12.33
CA LEU A 35 19.73 5.69 12.00
C LEU A 35 20.83 5.13 12.87
N TYR A 36 20.49 4.76 14.12
CA TYR A 36 21.47 4.15 15.02
C TYR A 36 22.18 2.91 14.42
N ALA A 37 21.61 2.25 13.40
CA ALA A 37 22.29 1.07 12.80
C ALA A 37 23.58 1.48 12.09
N ILE A 38 23.66 2.75 11.67
CA ILE A 38 24.84 3.21 10.92
C ILE A 38 26.09 3.26 11.86
N PRO A 39 26.05 4.03 12.96
CA PRO A 39 27.23 3.99 13.88
C PRO A 39 27.35 2.67 14.66
N GLY A 40 26.22 1.98 14.87
CA GLY A 40 26.27 0.65 15.47
C GLY A 40 26.93 0.63 16.87
N GLY A 41 26.67 1.68 17.63
CA GLY A 41 27.12 1.76 19.02
C GLY A 41 28.47 2.48 19.19
N GLU A 42 29.07 2.90 18.07
CA GLU A 42 30.38 3.58 18.11
C GLU A 42 30.23 5.01 17.62
N TRP A 43 30.85 5.94 18.35
CA TRP A 43 30.84 7.35 17.92
C TRP A 43 32.23 7.95 18.11
N ASN A 44 32.81 8.42 16.99
CA ASN A 44 34.14 9.07 17.05
C ASN A 44 35.16 8.25 17.80
N GLY A 45 35.16 6.95 17.55
CA GLY A 45 36.23 6.06 18.04
C GLY A 45 35.97 5.44 19.41
N LYS A 46 34.84 5.77 20.05
CA LYS A 46 34.47 5.15 21.31
CA LYS A 46 34.47 5.16 21.31
C LYS A 46 33.28 4.24 21.09
N VAL A 47 33.40 3.00 21.57
CA VAL A 47 32.32 2.03 21.44
C VAL A 47 31.63 2.09 22.77
N TYR A 48 30.35 2.48 22.76
CA TYR A 48 29.60 2.58 23.99
C TYR A 48 28.89 1.29 24.31
N GLY A 49 28.89 0.91 25.59
CA GLY A 49 28.31 -0.34 25.99
C GLY A 49 26.79 -0.31 26.14
N GLY A 50 26.21 0.88 26.28
CA GLY A 50 24.73 1.01 26.39
C GLY A 50 24.06 0.60 25.09
N ALA A 51 22.72 0.48 25.13
CA ALA A 51 21.96 0.01 23.96
C ALA A 51 22.24 0.92 22.76
N ALA A 52 22.57 0.30 21.62
CA ALA A 52 22.94 1.07 20.39
C ALA A 52 21.90 2.09 19.97
N GLU A 53 20.62 1.76 20.13
CA GLU A 53 19.59 2.69 19.67
C GLU A 53 19.51 3.96 20.51
N TRP A 54 20.17 3.96 21.69
CA TRP A 54 20.30 5.13 22.57
C TRP A 54 21.68 5.86 22.43
N LEU A 55 22.45 5.56 21.38
CA LEU A 55 23.79 6.14 21.24
C LEU A 55 23.73 7.69 21.18
N LYS A 56 22.66 8.27 20.62
CA LYS A 56 22.55 9.77 20.62
C LYS A 56 22.70 10.30 22.06
N SER A 57 22.10 9.58 23.01
CA SER A 57 22.16 9.98 24.39
C SER A 57 23.53 9.66 24.98
N TRP A 58 24.04 8.44 24.80
CA TRP A 58 25.36 8.10 25.36
C TRP A 58 26.50 9.01 24.92
N ALA A 59 26.52 9.32 23.61
CA ALA A 59 27.62 10.15 23.06
C ALA A 59 27.27 11.64 23.07
N LYS A 60 26.12 12.00 23.65
CA LYS A 60 25.69 13.40 23.78
C LYS A 60 25.69 14.11 22.43
N VAL A 61 25.07 13.49 21.43
CA VAL A 61 25.10 14.06 20.07
C VAL A 61 23.94 15.01 19.87
N PRO A 62 24.20 16.28 19.44
CA PRO A 62 23.07 17.18 19.18
C PRO A 62 22.13 16.62 18.09
N ALA A 63 20.84 16.93 18.18
CA ALA A 63 19.88 16.44 17.19
C ALA A 63 20.25 16.68 15.73
N ASP A 64 20.66 17.90 15.35
CA ASP A 64 20.94 18.14 13.95
CA ASP A 64 20.97 18.18 13.95
C ASP A 64 22.08 17.24 13.45
N GLU A 65 23.06 17.01 14.31
CA GLU A 65 24.23 16.23 13.94
C GLU A 65 23.88 14.73 13.87
N TRP A 66 23.07 14.29 14.81
CA TRP A 66 22.62 12.88 14.79
C TRP A 66 21.80 12.63 13.53
N LEU A 67 20.87 13.53 13.24
CA LEU A 67 19.96 13.32 12.12
C LEU A 67 20.65 13.44 10.75
N LYS A 68 21.85 14.01 10.71
CA LYS A 68 22.66 14.01 9.47
C LYS A 68 23.11 12.63 9.09
N LEU A 69 22.97 11.66 10.01
CA LEU A 69 23.16 10.26 9.62
C LEU A 69 22.24 9.86 8.45
N MET A 70 21.14 10.60 8.27
CA MET A 70 20.26 10.37 7.10
C MET A 70 21.03 10.37 5.76
N ASP A 71 22.09 11.18 5.69
CA ASP A 71 22.89 11.28 4.48
C ASP A 71 23.62 10.01 4.16
N GLN A 72 23.72 9.11 5.16
CA GLN A 72 24.40 7.81 5.04
C GLN A 72 23.40 6.65 4.94
N TRP A 73 22.11 6.98 4.95
CA TRP A 73 21.11 5.92 4.95
C TRP A 73 20.93 5.40 3.53
N ASN A 74 21.55 4.25 3.23
CA ASN A 74 21.48 3.70 1.89
C ASN A 74 21.61 2.20 1.97
N PRO A 75 20.58 1.55 2.53
CA PRO A 75 20.70 0.09 2.75
C PRO A 75 20.53 -0.74 1.45
N THR A 76 21.60 -0.84 0.66
CA THR A 76 21.43 -1.38 -0.70
C THR A 76 21.17 -2.89 -0.73
N LYS A 77 21.46 -3.58 0.38
CA LYS A 77 21.13 -5.00 0.47
C LYS A 77 19.66 -5.26 0.95
N PHE A 78 18.93 -4.22 1.29
CA PHE A 78 17.53 -4.40 1.74
C PHE A 78 16.67 -5.05 0.66
N ASP A 79 15.90 -6.05 1.05
CA ASP A 79 14.93 -6.68 0.18
C ASP A 79 13.80 -7.15 1.06
N ALA A 80 12.66 -6.46 1.01
CA ALA A 80 11.58 -6.78 1.92
C ALA A 80 11.09 -8.21 1.73
N LYS A 81 11.12 -8.71 0.47
CA LYS A 81 10.73 -10.12 0.29
C LYS A 81 11.67 -11.10 1.01
N LYS A 82 12.96 -10.81 1.05
CA LYS A 82 13.89 -11.65 1.79
C LYS A 82 13.67 -11.56 3.29
N TRP A 83 13.39 -10.35 3.78
CA TRP A 83 13.04 -10.20 5.20
C TRP A 83 11.79 -11.03 5.55
N ALA A 84 10.75 -10.98 4.71
CA ALA A 84 9.51 -11.71 4.94
C ALA A 84 9.76 -13.24 4.89
N LYS A 85 10.65 -13.65 3.99
CA LYS A 85 11.01 -15.06 3.90
C LYS A 85 11.72 -15.52 5.18
N MET A 86 12.62 -14.69 5.71
CA MET A 86 13.38 -15.05 6.92
C MET A 86 12.40 -15.18 8.09
N ALA A 87 11.46 -14.23 8.18
CA ALA A 87 10.43 -14.30 9.23
C ALA A 87 9.55 -15.54 9.07
N LYS A 88 9.13 -15.84 7.84
CA LYS A 88 8.31 -17.04 7.61
C LYS A 88 9.07 -18.31 8.00
N GLU A 89 10.35 -18.38 7.63
CA GLU A 89 11.15 -19.61 7.90
C GLU A 89 11.44 -19.76 9.42
N MET A 90 11.46 -18.64 10.13
CA MET A 90 11.63 -18.67 11.60
C MET A 90 10.36 -19.18 12.30
N GLY A 91 9.22 -19.15 11.61
CA GLY A 91 7.99 -19.54 12.27
C GLY A 91 7.28 -18.37 12.93
N THR A 92 7.70 -17.13 12.65
CA THR A 92 6.99 -16.01 13.28
C THR A 92 5.63 -15.84 12.61
N LYS A 93 4.63 -15.38 13.36
CA LYS A 93 3.31 -15.22 12.78
C LYS A 93 3.00 -13.71 12.66
N TYR A 94 3.88 -12.89 13.22
CA TYR A 94 3.74 -11.45 13.11
C TYR A 94 5.07 -10.78 13.33
N VAL A 95 5.21 -9.53 12.88
CA VAL A 95 6.44 -8.80 13.06
C VAL A 95 6.06 -7.42 13.57
N LYS A 96 6.73 -6.96 14.64
CA LYS A 96 6.58 -5.59 15.16
C LYS A 96 7.74 -4.77 14.67
N ILE A 97 7.45 -3.60 14.08
CA ILE A 97 8.51 -2.84 13.39
C ILE A 97 8.62 -1.46 14.00
N THR A 98 9.81 -1.00 14.35
CA THR A 98 10.01 0.43 14.74
C THR A 98 9.67 1.38 13.59
N THR A 99 8.51 2.04 13.67
CA THR A 99 8.16 3.02 12.66
C THR A 99 8.98 4.29 12.87
N LYS A 100 9.24 4.60 14.16
CA LYS A 100 10.04 5.75 14.56
C LYS A 100 10.48 5.42 15.96
N HIS A 101 11.78 5.46 16.19
CA HIS A 101 12.29 5.30 17.57
C HIS A 101 12.50 6.67 18.25
N HIS A 102 13.18 6.72 19.41
CA HIS A 102 13.30 7.99 20.12
C HIS A 102 13.98 9.05 19.26
N GLU A 103 14.96 8.63 18.44
CA GLU A 103 15.66 9.57 17.56
C GLU A 103 14.75 10.36 16.63
N GLY A 104 13.60 9.81 16.28
CA GLY A 104 12.57 10.57 15.54
C GLY A 104 12.61 10.36 14.05
N PHE A 105 13.60 9.62 13.56
CA PHE A 105 13.67 9.30 12.12
C PHE A 105 12.58 8.28 11.77
N CYS A 106 11.80 8.61 10.75
CA CYS A 106 10.66 7.78 10.36
C CYS A 106 10.99 6.84 9.24
N LEU A 107 10.57 5.57 9.41
CA LEU A 107 10.80 4.56 8.37
C LEU A 107 9.76 4.62 7.24
N TRP A 108 8.80 5.55 7.36
CA TRP A 108 7.83 5.80 6.29
C TRP A 108 7.95 7.31 5.94
N PRO A 109 7.52 7.68 4.71
CA PRO A 109 7.72 9.05 4.26
C PRO A 109 6.70 10.03 4.84
N SER A 110 6.80 10.33 6.13
CA SER A 110 5.84 11.21 6.81
C SER A 110 5.78 12.59 6.19
N LYS A 111 4.56 13.13 6.01
CA LYS A 111 4.47 14.53 5.57
C LYS A 111 4.61 15.50 6.72
N TYR A 112 4.77 15.02 7.96
CA TYR A 112 4.79 15.88 9.11
C TYR A 112 6.17 16.23 9.66
N THR A 113 7.22 15.67 9.03
CA THR A 113 8.58 15.98 9.42
C THR A 113 9.49 15.71 8.23
N LYS A 114 10.63 16.40 8.21
CA LYS A 114 11.61 16.12 7.15
C LYS A 114 12.53 14.95 7.50
N TYR A 115 12.45 14.43 8.73
CA TYR A 115 13.37 13.38 9.19
C TYR A 115 12.82 11.98 8.87
N THR A 116 12.85 11.64 7.58
CA THR A 116 12.25 10.39 7.11
C THR A 116 13.08 9.75 6.02
N VAL A 117 12.73 8.50 5.75
CA VAL A 117 13.35 7.75 4.66
C VAL A 117 13.31 8.46 3.30
N ALA A 118 12.31 9.31 3.08
CA ALA A 118 12.18 9.98 1.77
C ALA A 118 13.38 10.90 1.49
N ASN A 119 13.95 11.44 2.56
CA ASN A 119 15.04 12.40 2.48
C ASN A 119 16.41 11.79 2.78
N THR A 120 16.60 10.59 2.27
CA THR A 120 17.86 9.86 2.34
C THR A 120 18.24 9.47 0.93
N PRO A 121 19.48 9.04 0.73
CA PRO A 121 19.80 8.56 -0.63
C PRO A 121 18.93 7.39 -1.08
N TYR A 122 18.50 6.53 -0.16
CA TYR A 122 17.72 5.36 -0.56
C TYR A 122 16.28 5.71 -0.98
N LYS A 123 15.72 6.75 -0.37
CA LYS A 123 14.42 7.36 -0.72
C LYS A 123 13.16 6.55 -0.42
N ARG A 124 13.29 5.23 -0.50
CA ARG A 124 12.14 4.34 -0.53
C ARG A 124 11.42 4.20 0.81
N ASP A 125 10.13 3.86 0.70
CA ASP A 125 9.29 3.69 1.89
C ASP A 125 9.53 2.29 2.44
N ILE A 126 10.52 2.19 3.34
CA ILE A 126 10.87 0.93 3.96
C ILE A 126 9.68 0.29 4.65
N LEU A 127 8.94 1.11 5.42
CA LEU A 127 7.81 0.55 6.20
C LEU A 127 6.77 -0.01 5.23
N GLY A 128 6.40 0.75 4.20
CA GLY A 128 5.46 0.23 3.20
C GLY A 128 5.87 -1.05 2.49
N GLU A 129 7.15 -1.18 2.14
CA GLU A 129 7.65 -2.37 1.48
C GLU A 129 7.56 -3.57 2.43
N LEU A 130 7.91 -3.35 3.70
CA LEU A 130 7.80 -4.42 4.70
C LEU A 130 6.33 -4.87 4.91
N VAL A 131 5.46 -3.89 5.02
CA VAL A 131 4.05 -4.23 5.25
C VAL A 131 3.54 -5.14 4.13
N LYS A 132 3.80 -4.75 2.88
CA LYS A 132 3.40 -5.54 1.73
C LYS A 132 4.04 -6.93 1.74
N ALA A 133 5.36 -7.00 1.99
CA ALA A 133 6.04 -8.29 1.89
C ALA A 133 5.65 -9.24 3.03
N TYR A 134 5.62 -8.71 4.25
CA TYR A 134 5.18 -9.58 5.37
C TYR A 134 3.73 -10.05 5.14
N ASN A 135 2.84 -9.13 4.75
CA ASN A 135 1.42 -9.52 4.55
C ASN A 135 1.31 -10.56 3.40
N ASP A 136 2.16 -10.46 2.37
CA ASP A 136 2.15 -11.43 1.27
C ASP A 136 2.51 -12.84 1.74
N GLU A 137 3.30 -12.94 2.81
CA GLU A 137 3.62 -14.21 3.44
C GLU A 137 2.63 -14.64 4.52
N GLY A 138 1.55 -13.89 4.70
CA GLY A 138 0.54 -14.25 5.70
C GLY A 138 0.94 -13.82 7.12
N ILE A 139 1.88 -12.87 7.22
CA ILE A 139 2.45 -12.46 8.50
C ILE A 139 1.82 -11.10 8.86
N ASP A 140 1.26 -11.00 10.08
CA ASP A 140 0.62 -9.74 10.54
C ASP A 140 1.71 -8.74 10.86
N VAL A 141 1.42 -7.47 10.69
CA VAL A 141 2.39 -6.40 11.04
C VAL A 141 1.84 -5.51 12.16
N HIS A 142 2.72 -5.27 13.15
CA HIS A 142 2.47 -4.39 14.25
C HIS A 142 3.44 -3.23 14.22
N PHE A 143 2.96 -2.07 14.64
CA PHE A 143 3.80 -0.89 14.60
C PHE A 143 4.29 -0.49 15.99
N TYR A 144 5.60 -0.46 16.19
CA TYR A 144 6.18 0.17 17.37
C TYR A 144 6.21 1.68 17.05
N PHE A 145 5.91 2.49 18.04
CA PHE A 145 5.96 3.97 17.87
C PHE A 145 6.42 4.62 19.18
N SER A 146 7.47 5.43 19.09
CA SER A 146 7.98 6.15 20.26
C SER A 146 7.34 7.52 20.35
N VAL A 147 6.59 7.73 21.43
CA VAL A 147 6.01 9.08 21.62
C VAL A 147 7.12 10.11 21.88
N MET A 148 8.00 9.84 22.84
CA MET A 148 9.22 10.66 23.04
C MET A 148 9.97 10.77 21.70
N ASP A 149 10.31 11.98 21.31
CA ASP A 149 10.87 12.20 19.98
C ASP A 149 11.96 13.27 20.13
N TRP A 150 13.22 12.83 19.99
CA TRP A 150 14.37 13.71 20.21
C TRP A 150 14.63 14.66 19.03
N SER A 151 13.84 14.53 17.96
CA SER A 151 14.03 15.36 16.76
C SER A 151 13.09 16.56 16.71
N ASN A 152 12.08 16.56 17.59
CA ASN A 152 11.03 17.60 17.57
C ASN A 152 11.22 18.51 18.76
N PRO A 153 11.58 19.77 18.50
CA PRO A 153 11.90 20.61 19.67
C PRO A 153 10.67 21.01 20.52
N ASP A 154 9.47 20.67 20.05
CA ASP A 154 8.25 20.85 20.87
C ASP A 154 8.08 19.77 21.94
N TYR A 155 8.83 18.65 21.84
CA TYR A 155 8.72 17.65 22.91
C TYR A 155 9.08 18.30 24.25
N ARG A 156 8.45 17.85 25.32
CA ARG A 156 8.84 18.27 26.67
C ARG A 156 8.83 17.03 27.55
N TYR A 157 9.79 16.95 28.46
CA TYR A 157 9.88 15.90 29.47
C TYR A 157 8.95 16.16 30.65
N ASP A 158 8.67 17.45 30.94
CA ASP A 158 7.69 17.81 31.97
C ASP A 158 7.12 19.17 31.58
N ILE A 159 6.04 19.59 32.23
CA ILE A 159 5.40 20.85 31.88
C ILE A 159 5.59 21.76 33.08
N LYS A 160 6.41 22.79 32.90
CA LYS A 160 6.86 23.62 34.03
C LYS A 160 6.47 25.06 33.80
N SER A 161 5.82 25.34 32.67
CA SER A 161 5.51 26.72 32.24
C SER A 161 4.35 26.74 31.24
N LYS A 162 3.70 27.90 31.08
CA LYS A 162 2.73 28.11 30.02
C LYS A 162 3.31 27.75 28.63
N GLU A 163 4.56 28.14 28.40
CA GLU A 163 5.21 27.92 27.10
C GLU A 163 5.43 26.42 26.85
N ASP A 164 5.77 25.70 27.90
CA ASP A 164 5.91 24.23 27.80
C ASP A 164 4.58 23.63 27.43
N SER A 165 3.52 24.17 28.03
CA SER A 165 2.21 23.57 27.81
CA SER A 165 2.19 23.60 27.81
C SER A 165 1.75 23.80 26.37
N ILE A 166 2.00 25.02 25.84
CA ILE A 166 1.66 25.31 24.46
C ILE A 166 2.48 24.41 23.48
N ALA A 167 3.78 24.33 23.75
CA ALA A 167 4.68 23.52 22.90
C ALA A 167 4.26 22.06 22.94
N PHE A 168 3.99 21.55 24.13
CA PHE A 168 3.64 20.12 24.24
C PHE A 168 2.29 19.85 23.56
N SER A 169 1.35 20.79 23.64
CA SER A 169 0.11 20.62 22.91
CA SER A 169 0.12 20.63 22.91
C SER A 169 0.35 20.49 21.41
N ARG A 170 1.27 21.28 20.86
CA ARG A 170 1.62 21.21 19.44
C ARG A 170 2.27 19.85 19.14
N PHE A 171 3.11 19.42 20.08
CA PHE A 171 3.76 18.09 19.98
C PHE A 171 2.74 16.96 19.92
N LEU A 172 1.70 17.00 20.77
CA LEU A 172 0.64 16.00 20.70
C LEU A 172 -0.16 16.00 19.42
N GLU A 173 -0.38 17.18 18.84
CA GLU A 173 -1.01 17.29 17.54
C GLU A 173 -0.16 16.64 16.41
N PHE A 174 1.14 16.91 16.48
CA PHE A 174 2.11 16.35 15.56
C PHE A 174 2.08 14.82 15.70
N THR A 175 2.07 14.34 16.94
CA THR A 175 2.02 12.90 17.21
C THR A 175 0.75 12.29 16.64
N ASP A 176 -0.40 12.93 16.92
CA ASP A 176 -1.65 12.45 16.34
C ASP A 176 -1.60 12.41 14.82
N ASN A 177 -1.02 13.44 14.21
CA ASN A 177 -0.90 13.49 12.75
C ASN A 177 -0.14 12.29 12.20
N GLN A 178 1.01 11.98 12.84
CA GLN A 178 1.77 10.80 12.44
C GLN A 178 1.01 9.50 12.65
N LEU A 179 0.28 9.40 13.77
CA LEU A 179 -0.40 8.15 14.09
C LEU A 179 -1.52 7.90 13.07
N LYS A 180 -2.26 8.96 12.74
CA LYS A 180 -3.32 8.86 11.76
C LYS A 180 -2.76 8.53 10.42
N GLU A 181 -1.59 9.09 10.11
CA GLU A 181 -0.93 8.79 8.85
C GLU A 181 -0.51 7.30 8.74
N LEU A 182 0.04 6.76 9.83
CA LEU A 182 0.39 5.34 9.86
C LEU A 182 -0.85 4.48 9.67
N ALA A 183 -1.93 4.85 10.38
CA ALA A 183 -3.16 4.07 10.36
C ALA A 183 -3.87 4.03 8.99
N THR A 184 -3.70 5.10 8.25
CA THR A 184 -4.34 5.22 6.92
C THR A 184 -3.45 4.81 5.77
N ARG A 185 -2.12 5.05 5.87
CA ARG A 185 -1.21 4.57 4.82
C ARG A 185 -1.06 3.07 4.85
N TYR A 186 -1.23 2.47 6.04
CA TYR A 186 -0.97 1.01 6.18
C TYR A 186 -2.15 0.39 6.90
N PRO A 187 -3.31 0.32 6.21
CA PRO A 187 -4.52 -0.04 6.92
C PRO A 187 -4.56 -1.52 7.31
N THR A 188 -3.60 -2.34 6.88
CA THR A 188 -3.56 -3.74 7.36
C THR A 188 -2.85 -3.83 8.73
N VAL A 189 -2.39 -2.70 9.29
CA VAL A 189 -1.67 -2.79 10.60
C VAL A 189 -2.58 -3.42 11.65
N LYS A 190 -2.04 -4.31 12.50
CA LYS A 190 -2.89 -4.99 13.49
C LYS A 190 -2.71 -4.54 14.93
N ASP A 191 -1.72 -3.67 15.18
CA ASP A 191 -1.36 -3.34 16.55
C ASP A 191 -0.48 -2.10 16.55
N PHE A 192 -0.63 -1.26 17.58
CA PHE A 192 0.31 -0.20 17.86
C PHE A 192 0.90 -0.44 19.22
N TRP A 193 2.23 -0.52 19.24
CA TRP A 193 2.95 -0.79 20.47
C TRP A 193 3.75 0.50 20.81
N PHE A 194 3.22 1.25 21.76
CA PHE A 194 3.82 2.53 22.12
C PHE A 194 4.96 2.38 23.08
N ASP A 195 5.96 3.22 22.89
CA ASP A 195 7.09 3.34 23.83
C ASP A 195 7.35 4.79 24.14
N GLY A 196 8.27 5.09 25.06
CA GLY A 196 8.63 6.52 25.26
C GLY A 196 7.46 7.31 25.83
N THR A 197 6.70 6.70 26.72
CA THR A 197 5.50 7.35 27.28
C THR A 197 5.61 7.51 28.80
N TRP A 198 6.83 7.37 29.32
CA TRP A 198 7.01 7.37 30.78
C TRP A 198 7.24 8.79 31.35
N ASP A 199 7.42 9.80 30.50
CA ASP A 199 7.80 11.12 31.07
C ASP A 199 6.63 11.79 31.79
N ALA A 200 6.98 12.70 32.70
CA ALA A 200 5.97 13.43 33.49
C ALA A 200 4.96 14.14 32.59
N SER A 201 5.45 14.63 31.45
CA SER A 201 4.60 15.32 30.45
C SER A 201 3.48 14.41 29.96
N VAL A 202 3.78 13.14 29.67
CA VAL A 202 2.75 12.22 29.25
C VAL A 202 1.85 11.80 30.45
N LYS A 203 2.46 11.52 31.60
CA LYS A 203 1.73 11.14 32.82
C LYS A 203 0.68 12.18 33.22
N LYS A 204 1.03 13.46 33.03
CA LYS A 204 0.07 14.55 33.29
C LYS A 204 -0.99 14.72 32.21
N ASN A 205 -0.84 14.01 31.08
CA ASN A 205 -1.83 14.10 30.00
C ASN A 205 -2.38 12.72 29.66
N GLY A 206 -2.81 12.00 30.70
CA GLY A 206 -3.42 10.70 30.52
C GLY A 206 -4.56 10.73 29.54
N TRP A 207 -5.31 11.84 29.52
CA TRP A 207 -6.46 11.97 28.61
C TRP A 207 -6.00 11.72 27.14
N TRP A 208 -4.78 12.14 26.86
CA TRP A 208 -4.25 12.06 25.49
C TRP A 208 -4.01 10.58 25.15
N THR A 209 -3.51 9.85 26.14
CA THR A 209 -3.23 8.41 25.88
C THR A 209 -4.54 7.66 25.59
N ALA A 210 -5.57 8.00 26.35
CA ALA A 210 -6.88 7.40 26.10
C ALA A 210 -7.42 7.83 24.73
N HIS A 211 -7.28 9.10 24.42
CA HIS A 211 -7.63 9.62 23.09
C HIS A 211 -6.92 8.86 21.95
N ALA A 212 -5.62 8.61 22.11
CA ALA A 212 -4.84 7.97 21.03
C ALA A 212 -5.34 6.55 20.80
N GLU A 213 -5.61 5.84 21.90
CA GLU A 213 -6.23 4.50 21.82
C GLU A 213 -7.55 4.54 21.06
N GLN A 214 -8.41 5.48 21.43
CA GLN A 214 -9.75 5.54 20.83
CA GLN A 214 -9.75 5.55 20.84
C GLN A 214 -9.65 5.95 19.37
N MET A 215 -8.78 6.91 19.07
CA MET A 215 -8.59 7.42 17.69
C MET A 215 -8.12 6.30 16.78
N LEU A 216 -7.12 5.54 17.25
CA LEU A 216 -6.63 4.43 16.41
C LEU A 216 -7.64 3.29 16.25
N LYS A 217 -8.42 3.02 17.31
CA LYS A 217 -9.43 1.98 17.21
C LYS A 217 -10.57 2.37 16.25
N GLU A 218 -10.86 3.67 16.15
CA GLU A 218 -11.86 4.11 15.15
C GLU A 218 -11.32 4.01 13.73
N LEU A 219 -10.00 4.20 13.56
CA LEU A 219 -9.40 4.16 12.23
C LEU A 219 -9.07 2.76 11.73
N VAL A 220 -8.77 1.85 12.67
CA VAL A 220 -8.33 0.52 12.30
C VAL A 220 -9.16 -0.49 13.06
N PRO A 221 -10.18 -1.06 12.40
CA PRO A 221 -11.05 -1.98 13.10
C PRO A 221 -10.28 -3.15 13.73
N GLY A 222 -10.54 -3.42 15.01
CA GLY A 222 -9.97 -4.61 15.65
C GLY A 222 -8.50 -4.40 16.08
N VAL A 223 -7.97 -3.20 15.87
CA VAL A 223 -6.53 -2.94 16.23
C VAL A 223 -6.27 -3.19 17.70
N ALA A 224 -5.10 -3.75 18.02
CA ALA A 224 -4.66 -3.86 19.42
C ALA A 224 -3.77 -2.68 19.82
N ILE A 225 -3.80 -2.32 21.10
CA ILE A 225 -3.03 -1.21 21.61
C ILE A 225 -2.39 -1.67 22.90
N ASN A 226 -1.08 -1.47 23.05
CA ASN A 226 -0.43 -1.98 24.26
C ASN A 226 -0.68 -1.13 25.53
N SER A 227 -0.48 -1.75 26.68
CA SER A 227 -0.67 -1.06 27.94
C SER A 227 0.29 0.04 28.19
N ARG A 228 1.48 0.00 27.57
CA ARG A 228 2.52 0.96 27.87
C ARG A 228 2.13 2.37 27.38
N LEU A 229 1.21 2.44 26.42
CA LEU A 229 0.74 3.76 25.98
C LEU A 229 0.11 4.52 27.16
N ARG A 230 -0.56 3.76 28.03
CA ARG A 230 -1.72 4.35 28.75
C ARG A 230 -1.39 4.84 30.15
N ALA A 231 -1.80 6.09 30.43
CA ALA A 231 -1.80 6.68 31.76
C ALA A 231 -3.23 7.14 32.06
N ASP A 232 -3.66 6.95 33.31
CA ASP A 232 -5.01 7.39 33.72
C ASP A 232 -5.03 8.86 34.20
N ASP A 233 -6.17 9.28 34.73
CA ASP A 233 -6.32 10.66 35.26
C ASP A 233 -5.29 11.04 36.31
N LYS A 234 -4.76 10.04 37.03
CA LYS A 234 -3.82 10.25 38.14
C LYS A 234 -2.40 10.06 37.72
N GLY A 235 -2.17 9.76 36.44
CA GLY A 235 -0.81 9.53 35.95
C GLY A 235 -0.32 8.11 36.18
N LYS A 236 -1.21 7.22 36.62
CA LYS A 236 -0.86 5.79 36.85
C LYS A 236 -0.79 5.07 35.49
N ARG A 237 0.30 4.33 35.24
CA ARG A 237 0.56 3.71 33.92
C ARG A 237 0.32 2.20 33.88
N HIS A 238 -0.06 1.71 32.69
CA HIS A 238 -0.37 0.29 32.38
C HIS A 238 -1.66 -0.18 33.03
N PHE A 239 -1.71 -0.12 34.36
CA PHE A 239 -2.91 -0.47 35.10
C PHE A 239 -3.38 0.81 35.76
N ASP A 240 -4.68 1.05 35.70
CA ASP A 240 -5.26 2.30 36.23
C ASP A 240 -5.33 2.31 37.77
N SER A 241 -5.78 3.43 38.32
CA SER A 241 -5.79 3.64 39.75
C SER A 241 -6.71 2.66 40.51
N ASN A 242 -7.58 1.99 39.78
CA ASN A 242 -8.39 0.91 40.33
C ASN A 242 -7.81 -0.50 40.05
N GLY A 243 -6.57 -0.52 39.56
CA GLY A 243 -5.86 -1.78 39.28
C GLY A 243 -6.30 -2.50 38.01
N ARG A 244 -7.03 -1.81 37.14
CA ARG A 244 -7.51 -2.43 35.90
C ARG A 244 -6.55 -2.16 34.73
N LEU A 245 -6.29 -3.21 33.95
CA LEU A 245 -5.36 -3.09 32.78
C LEU A 245 -5.93 -2.10 31.75
N MET A 246 -5.09 -1.19 31.27
CA MET A 246 -5.48 -0.25 30.22
C MET A 246 -4.89 -0.75 28.90
N GLY A 247 -5.51 -0.37 27.77
CA GLY A 247 -5.17 -0.98 26.48
C GLY A 247 -5.64 -2.43 26.43
N ASP A 248 -5.13 -3.18 25.47
CA ASP A 248 -5.68 -4.51 25.15
C ASP A 248 -4.87 -5.67 25.69
N TYR A 249 -3.62 -5.40 26.07
CA TYR A 249 -2.74 -6.43 26.59
C TYR A 249 -1.65 -5.74 27.38
N GLU A 250 -1.08 -6.46 28.34
CA GLU A 250 -0.01 -5.92 29.16
CA GLU A 250 -0.04 -5.96 29.18
C GLU A 250 1.30 -6.14 28.42
N SER A 251 2.10 -5.09 28.36
CA SER A 251 3.34 -5.08 27.62
C SER A 251 4.55 -4.72 28.48
N GLY A 252 4.49 -4.95 29.78
CA GLY A 252 5.71 -4.75 30.61
C GLY A 252 6.85 -5.79 30.70
N TYR A 253 6.69 -7.03 30.22
CA TYR A 253 7.74 -8.04 30.46
C TYR A 253 8.73 -7.91 29.31
N GLU A 254 9.72 -7.07 29.51
CA GLU A 254 10.63 -6.65 28.48
C GLU A 254 11.94 -7.10 29.04
N ARG A 255 12.46 -8.16 28.45
CA ARG A 255 13.73 -8.76 28.86
C ARG A 255 13.57 -9.42 30.26
N ARG A 256 12.36 -9.81 30.60
CA ARG A 256 12.13 -10.56 31.85
C ARG A 256 10.79 -11.27 31.71
N LEU A 257 10.52 -12.33 32.51
CA LEU A 257 9.23 -13.09 32.33
C LEU A 257 8.55 -13.37 33.68
N PRO A 258 7.21 -13.54 33.70
CA PRO A 258 6.56 -13.80 34.98
C PRO A 258 6.97 -15.15 35.54
N ASP A 259 7.04 -15.24 36.87
CA ASP A 259 7.44 -16.49 37.49
C ASP A 259 6.36 -17.57 37.33
N PRO A 260 6.72 -18.80 36.87
CA PRO A 260 5.69 -19.78 36.64
C PRO A 260 4.91 -20.28 37.87
N VAL A 261 5.46 -20.06 39.05
CA VAL A 261 4.76 -20.44 40.29
C VAL A 261 4.05 -19.22 40.94
N LYS A 262 4.75 -18.10 41.00
CA LYS A 262 4.29 -16.95 41.78
C LYS A 262 3.49 -15.90 41.03
N ASP A 263 3.53 -15.94 39.69
CA ASP A 263 2.89 -14.88 38.92
C ASP A 263 1.77 -15.40 38.05
N LEU A 264 0.96 -16.34 38.56
CA LEU A 264 -0.17 -16.86 37.78
C LEU A 264 -1.23 -15.81 37.53
N LYS A 265 -1.16 -14.66 38.20
CA LYS A 265 -2.12 -13.56 37.93
C LYS A 265 -2.12 -13.18 36.45
N VAL A 266 -0.97 -13.33 35.78
CA VAL A 266 -0.90 -12.89 34.36
C VAL A 266 -1.84 -13.69 33.44
N THR A 267 -2.27 -14.87 33.87
CA THR A 267 -3.16 -15.69 33.04
C THR A 267 -4.54 -15.04 32.88
N GLN A 268 -4.81 -13.99 33.65
CA GLN A 268 -6.11 -13.31 33.69
CA GLN A 268 -6.13 -13.38 33.63
C GLN A 268 -6.28 -12.31 32.56
N TRP A 269 -5.18 -11.93 31.90
CA TRP A 269 -5.24 -10.91 30.84
C TRP A 269 -4.31 -11.29 29.67
N ASP A 270 -4.53 -10.74 28.47
CA ASP A 270 -3.57 -10.96 27.41
C ASP A 270 -2.30 -10.19 27.74
N TRP A 271 -1.15 -10.74 27.33
CA TRP A 271 0.09 -10.05 27.55
C TRP A 271 1.12 -10.50 26.50
N GLU A 272 2.14 -9.65 26.31
CA GLU A 272 3.15 -9.95 25.29
C GLU A 272 4.50 -9.53 25.87
N ALA A 273 5.45 -10.46 25.86
CA ALA A 273 6.82 -10.17 26.30
C ALA A 273 7.66 -9.93 25.06
N CYS A 274 8.70 -9.11 25.17
CA CYS A 274 9.62 -8.92 24.05
CA CYS A 274 9.61 -8.88 24.05
C CYS A 274 11.01 -9.11 24.63
N MET A 275 11.93 -9.59 23.82
CA MET A 275 13.25 -9.92 24.36
CA MET A 275 13.24 -10.02 24.32
C MET A 275 14.34 -9.66 23.33
N THR A 276 15.53 -9.37 23.84
CA THR A 276 16.69 -9.15 22.98
C THR A 276 17.52 -10.41 23.00
N ILE A 277 18.36 -10.56 21.96
CA ILE A 277 19.29 -11.68 21.89
C ILE A 277 20.52 -11.47 22.81
N PRO A 278 21.21 -10.33 22.66
CA PRO A 278 22.15 -9.95 23.74
C PRO A 278 21.41 -9.49 24.98
N GLU A 279 22.15 -9.11 26.02
CA GLU A 279 21.46 -8.76 27.25
C GLU A 279 20.63 -7.53 27.10
N ASN A 280 21.14 -6.53 26.35
CA ASN A 280 20.41 -5.28 26.23
C ASN A 280 20.88 -4.48 25.02
N GLN A 281 20.60 -5.00 23.84
CA GLN A 281 20.81 -4.29 22.59
C GLN A 281 19.58 -4.54 21.73
N TRP A 282 18.92 -3.47 21.29
CA TRP A 282 17.76 -3.65 20.40
C TRP A 282 18.15 -3.28 18.98
N GLY A 283 18.63 -2.05 18.79
CA GLY A 283 19.22 -1.67 17.50
C GLY A 283 20.56 -2.39 17.26
N TYR A 284 21.02 -2.37 16.02
CA TYR A 284 22.32 -2.98 15.67
C TYR A 284 23.51 -2.41 16.47
N HIS A 285 24.18 -3.29 17.23
CA HIS A 285 25.43 -2.92 17.88
C HIS A 285 26.51 -3.77 17.27
N LYS A 286 27.64 -3.14 16.90
CA LYS A 286 28.69 -3.89 16.18
C LYS A 286 29.42 -4.88 17.07
N ASP A 287 29.34 -4.75 18.40
CA ASP A 287 30.15 -5.60 19.25
C ASP A 287 29.32 -6.41 20.25
N TRP A 288 28.94 -7.62 19.82
CA TRP A 288 28.13 -8.53 20.68
C TRP A 288 28.96 -9.25 21.72
N SER A 289 30.28 -9.04 21.72
CA SER A 289 31.13 -9.63 22.80
C SER A 289 30.96 -8.91 24.13
N LEU A 290 30.30 -7.73 24.13
CA LEU A 290 30.20 -6.95 25.35
C LEU A 290 29.25 -7.46 26.43
N SER A 291 28.30 -8.34 26.07
CA SER A 291 27.38 -8.88 27.09
C SER A 291 26.99 -10.29 26.64
N TYR A 292 26.25 -10.98 27.50
CA TYR A 292 25.90 -12.35 27.21
C TYR A 292 24.93 -12.41 26.00
N VAL A 293 25.19 -13.35 25.09
CA VAL A 293 24.32 -13.55 23.91
C VAL A 293 23.61 -14.90 24.06
N LYS A 294 22.28 -14.84 24.09
CA LYS A 294 21.49 -16.10 24.24
C LYS A 294 21.65 -17.07 23.09
N THR A 295 21.66 -18.35 23.43
CA THR A 295 21.65 -19.42 22.43
C THR A 295 20.23 -19.68 21.96
N PRO A 296 20.06 -20.37 20.82
CA PRO A 296 18.69 -20.69 20.38
C PRO A 296 17.83 -21.44 21.45
N ILE A 297 18.40 -22.43 22.14
CA ILE A 297 17.58 -23.11 23.16
C ILE A 297 17.12 -22.15 24.26
N GLU A 298 18.02 -21.24 24.69
CA GLU A 298 17.62 -20.22 25.68
C GLU A 298 16.46 -19.37 25.21
N VAL A 299 16.47 -19.04 23.92
CA VAL A 299 15.35 -18.27 23.35
C VAL A 299 14.06 -19.08 23.26
N ILE A 300 14.17 -20.34 22.84
CA ILE A 300 13.01 -21.22 22.70
C ILE A 300 12.41 -21.47 24.09
N ASP A 301 13.27 -21.61 25.12
CA ASP A 301 12.75 -21.74 26.46
C ASP A 301 11.86 -20.56 26.82
N ARG A 302 12.32 -19.34 26.52
CA ARG A 302 11.52 -18.18 26.84
C ARG A 302 10.23 -18.11 26.06
N ILE A 303 10.29 -18.45 24.76
CA ILE A 303 9.06 -18.50 23.96
C ILE A 303 8.00 -19.45 24.59
N VAL A 304 8.42 -20.67 24.91
CA VAL A 304 7.48 -21.64 25.49
C VAL A 304 7.00 -21.19 26.87
N HIS A 305 7.92 -20.66 27.69
CA HIS A 305 7.60 -20.11 29.02
C HIS A 305 6.45 -19.11 28.86
N ALA A 306 6.59 -18.18 27.91
CA ALA A 306 5.48 -17.21 27.74
C ALA A 306 4.15 -17.85 27.39
N VAL A 307 4.16 -18.75 26.40
CA VAL A 307 2.90 -19.38 25.92
C VAL A 307 2.30 -20.19 27.09
N SER A 308 3.18 -20.82 27.89
CA SER A 308 2.71 -21.63 29.04
C SER A 308 1.99 -20.81 30.09
N MET A 309 2.23 -19.51 30.09
CA MET A 309 1.55 -18.61 31.02
C MET A 309 0.59 -17.67 30.32
N GLY A 310 0.17 -18.05 29.12
CA GLY A 310 -0.88 -17.33 28.38
C GLY A 310 -0.44 -16.07 27.68
N GLY A 311 0.86 -15.95 27.40
CA GLY A 311 1.38 -14.72 26.80
C GLY A 311 2.07 -14.98 25.46
N ASN A 312 2.27 -13.90 24.70
CA ASN A 312 3.00 -13.97 23.45
C ASN A 312 4.47 -13.65 23.71
N MET A 313 5.35 -14.07 22.78
CA MET A 313 6.76 -13.71 22.92
C MET A 313 7.25 -13.17 21.58
N VAL A 314 8.00 -12.08 21.64
CA VAL A 314 8.53 -11.44 20.45
C VAL A 314 10.05 -11.38 20.54
N VAL A 315 10.75 -11.93 19.53
CA VAL A 315 12.22 -12.01 19.55
C VAL A 315 12.78 -10.87 18.70
N ASN A 316 13.63 -10.02 19.29
CA ASN A 316 14.14 -8.83 18.59
C ASN A 316 15.33 -9.10 17.67
N PHE A 317 15.31 -8.38 16.54
CA PHE A 317 16.39 -8.36 15.54
C PHE A 317 16.76 -6.92 15.27
N GLY A 318 18.07 -6.64 15.17
CA GLY A 318 18.52 -5.27 14.88
C GLY A 318 19.30 -5.30 13.56
N PRO A 319 18.61 -5.09 12.43
CA PRO A 319 19.29 -5.22 11.13
C PRO A 319 20.47 -4.28 10.95
N GLN A 320 21.43 -4.73 10.16
CA GLN A 320 22.59 -3.92 9.81
C GLN A 320 22.18 -2.71 9.00
N ALA A 321 23.05 -1.72 9.02
CA ALA A 321 22.81 -0.52 8.21
C ALA A 321 22.66 -0.85 6.74
N ASP A 322 23.29 -1.93 6.25
CA ASP A 322 23.19 -2.22 4.82
C ASP A 322 21.90 -2.89 4.40
N GLY A 323 21.03 -3.24 5.38
CA GLY A 323 19.76 -3.83 5.06
C GLY A 323 19.79 -5.36 5.14
N ASP A 324 20.91 -5.95 5.54
CA ASP A 324 20.96 -7.41 5.73
C ASP A 324 20.96 -7.69 7.24
N PHE A 325 20.89 -8.96 7.61
CA PHE A 325 20.97 -9.41 9.02
C PHE A 325 22.34 -9.99 9.33
N ARG A 326 22.84 -9.74 10.54
CA ARG A 326 24.12 -10.30 10.97
C ARG A 326 24.06 -11.82 11.08
N PRO A 327 25.21 -12.49 10.97
CA PRO A 327 25.16 -13.96 10.96
C PRO A 327 24.53 -14.57 12.23
N GLU A 328 24.73 -13.95 13.40
CA GLU A 328 24.17 -14.50 14.64
C GLU A 328 22.63 -14.53 14.56
N GLU A 329 22.07 -13.51 13.95
CA GLU A 329 20.60 -13.40 13.83
C GLU A 329 20.08 -14.35 12.77
N LYS A 330 20.82 -14.52 11.65
CA LYS A 330 20.38 -15.53 10.65
C LYS A 330 20.40 -16.93 11.29
N ALA A 331 21.43 -17.20 12.11
CA ALA A 331 21.52 -18.54 12.74
C ALA A 331 20.38 -18.71 13.70
N MET A 332 20.08 -17.64 14.46
CA MET A 332 19.02 -17.75 15.47
C MET A 332 17.68 -18.03 14.80
N ALA A 333 17.33 -17.25 13.77
CA ALA A 333 16.04 -17.38 13.15
C ALA A 333 15.92 -18.79 12.53
N THR A 334 17.01 -19.31 11.95
CA THR A 334 16.97 -20.63 11.32
C THR A 334 16.72 -21.71 12.38
N ALA A 335 17.42 -21.59 13.50
CA ALA A 335 17.34 -22.62 14.56
C ALA A 335 15.94 -22.60 15.20
N ILE A 336 15.42 -21.38 15.45
CA ILE A 336 14.07 -21.29 15.97
C ILE A 336 13.06 -21.92 14.99
N GLY A 337 13.27 -21.63 13.71
CA GLY A 337 12.30 -22.15 12.73
C GLY A 337 12.31 -23.67 12.60
N LYS A 338 13.52 -24.24 12.66
CA LYS A 338 13.66 -25.72 12.63
C LYS A 338 12.92 -26.32 13.83
N TRP A 339 13.08 -25.74 15.02
CA TRP A 339 12.35 -26.24 16.20
C TRP A 339 10.83 -26.05 16.11
N MET A 340 10.40 -24.87 15.65
CA MET A 340 8.97 -24.57 15.56
CA MET A 340 8.96 -24.58 15.56
C MET A 340 8.30 -25.46 14.49
N ASN A 341 9.03 -25.77 13.44
CA ASN A 341 8.46 -26.66 12.39
C ASN A 341 8.13 -28.05 12.98
N ARG A 342 8.94 -28.48 13.96
CA ARG A 342 8.78 -29.79 14.54
C ARG A 342 7.78 -29.79 15.72
N TYR A 343 7.81 -28.71 16.54
CA TYR A 343 7.15 -28.73 17.81
C TYR A 343 6.11 -27.64 17.95
N GLY A 344 5.89 -26.87 16.90
CA GLY A 344 5.01 -25.70 16.99
C GLY A 344 3.55 -25.93 17.29
N LYS A 345 3.06 -27.18 17.17
CA LYS A 345 1.70 -27.46 17.62
C LYS A 345 1.51 -27.23 19.12
N ALA A 346 2.61 -27.19 19.89
CA ALA A 346 2.56 -26.93 21.34
C ALA A 346 2.77 -25.43 21.66
N VAL A 347 2.91 -24.62 20.59
CA VAL A 347 3.11 -23.15 20.73
C VAL A 347 1.97 -22.34 20.12
N TYR A 348 1.77 -22.49 18.80
CA TYR A 348 0.73 -21.71 18.13
C TYR A 348 -0.64 -22.04 18.65
N ALA A 349 -1.42 -21.00 18.93
CA ALA A 349 -2.81 -21.10 19.41
C ALA A 349 -2.90 -21.89 20.73
N CYS A 350 -1.83 -21.90 21.54
CA CYS A 350 -1.83 -22.62 22.81
C CYS A 350 -1.89 -21.63 23.94
N ASP A 351 -2.08 -22.12 25.16
CA ASP A 351 -2.35 -21.25 26.28
C ASP A 351 -2.01 -21.97 27.59
N TYR A 352 -2.32 -21.32 28.69
CA TYR A 352 -2.01 -21.84 30.04
C TYR A 352 -2.83 -23.10 30.29
N ALA A 353 -2.19 -24.13 30.87
CA ALA A 353 -2.83 -25.45 30.97
C ALA A 353 -3.49 -25.70 32.34
N GLY A 354 -3.12 -24.89 33.34
CA GLY A 354 -3.68 -24.95 34.72
C GLY A 354 -3.14 -26.14 35.50
N PHE A 355 -1.96 -26.64 35.11
CA PHE A 355 -1.26 -27.68 35.87
C PHE A 355 -0.14 -27.09 36.75
N GLU A 356 0.12 -27.76 37.87
CA GLU A 356 1.22 -27.43 38.73
CA GLU A 356 1.24 -27.39 38.74
C GLU A 356 2.54 -27.51 37.95
N LYS A 357 3.35 -26.46 38.04
CA LYS A 357 4.66 -26.41 37.35
C LYS A 357 5.58 -27.57 37.76
N GLN A 358 6.23 -28.20 36.78
CA GLN A 358 7.22 -29.25 37.07
C GLN A 358 8.62 -28.88 36.55
N ASP A 359 9.66 -29.50 37.11
CA ASP A 359 11.03 -29.07 36.79
C ASP A 359 11.51 -29.38 35.38
N TRP A 360 10.88 -30.36 34.71
CA TRP A 360 11.35 -30.76 33.38
C TRP A 360 11.07 -29.73 32.29
N GLY A 361 10.19 -28.77 32.55
CA GLY A 361 9.82 -27.82 31.44
C GLY A 361 8.42 -27.26 31.72
N TYR A 362 7.63 -27.11 30.65
CA TYR A 362 6.42 -26.35 30.70
C TYR A 362 5.29 -27.15 30.05
N TYR A 363 4.07 -26.92 30.55
CA TYR A 363 2.88 -27.41 29.88
C TYR A 363 2.30 -26.31 29.05
N THR A 364 1.71 -26.69 27.93
CA THR A 364 0.82 -25.78 27.21
C THR A 364 -0.46 -26.54 26.89
N ARG A 365 -1.54 -25.77 26.67
CA ARG A 365 -2.83 -26.39 26.31
C ARG A 365 -3.28 -25.94 24.93
N GLY A 366 -3.69 -26.91 24.10
CA GLY A 366 -4.19 -26.65 22.74
C GLY A 366 -5.68 -26.32 22.75
N LYS A 367 -6.24 -26.08 21.57
CA LYS A 367 -7.62 -25.57 21.48
C LYS A 367 -8.64 -26.67 21.74
N ASN A 368 -8.19 -27.92 21.60
CA ASN A 368 -9.08 -29.03 21.87
C ASN A 368 -8.68 -29.88 23.07
N ASP A 369 -8.33 -29.22 24.16
CA ASP A 369 -7.89 -29.85 25.41
C ASP A 369 -6.62 -30.71 25.36
N GLU A 370 -5.83 -30.65 24.28
CA GLU A 370 -4.51 -31.31 24.26
C GLU A 370 -3.67 -30.65 25.35
N VAL A 371 -2.92 -31.47 26.09
CA VAL A 371 -1.96 -30.92 27.07
C VAL A 371 -0.58 -31.34 26.59
N TYR A 372 0.27 -30.36 26.29
CA TYR A 372 1.60 -30.68 25.78
C TYR A 372 2.60 -30.52 26.91
N MET A 373 3.48 -31.50 27.02
CA MET A 373 4.66 -31.41 27.92
C MET A 373 5.84 -31.01 27.06
N VAL A 374 6.43 -29.83 27.33
CA VAL A 374 7.57 -29.38 26.59
C VAL A 374 8.77 -29.49 27.50
N VAL A 375 9.64 -30.45 27.16
CA VAL A 375 10.67 -30.89 28.07
C VAL A 375 11.99 -30.21 27.73
N PHE A 376 12.47 -29.36 28.64
CA PHE A 376 13.79 -28.74 28.49
C PHE A 376 14.88 -29.30 29.34
N ASN A 377 14.51 -30.00 30.43
CA ASN A 377 15.52 -30.47 31.39
C ASN A 377 15.20 -31.96 31.62
N GLN A 378 16.10 -32.80 31.15
CA GLN A 378 15.85 -34.25 31.04
C GLN A 378 16.22 -34.93 32.37
N PRO A 379 15.26 -35.60 32.99
N PRO A 379 15.23 -35.50 33.07
CA PRO A 379 15.52 -36.17 34.34
CA PRO A 379 15.60 -36.10 34.39
C PRO A 379 16.42 -37.39 34.24
C PRO A 379 16.45 -37.34 34.21
N TYR A 380 17.50 -37.44 35.04
CA TYR A 380 18.27 -38.69 35.13
C TYR A 380 17.42 -39.87 35.54
N SER A 381 16.30 -39.61 36.24
CA SER A 381 15.42 -40.71 36.65
C SER A 381 14.70 -41.31 35.45
N GLU A 382 14.69 -40.61 34.30
CA GLU A 382 13.99 -41.04 33.07
C GLU A 382 12.50 -41.08 33.25
N ARG A 383 12.02 -40.33 34.23
CA ARG A 383 10.56 -40.21 34.56
C ARG A 383 10.23 -38.73 34.66
N LEU A 384 9.14 -38.33 34.01
CA LEU A 384 8.69 -36.93 33.99
C LEU A 384 7.47 -36.88 34.85
N ILE A 385 7.58 -36.19 35.99
CA ILE A 385 6.46 -36.18 36.93
C ILE A 385 5.31 -35.31 36.43
N VAL A 386 4.09 -35.86 36.48
CA VAL A 386 2.89 -35.10 36.09
C VAL A 386 1.91 -35.20 37.23
N LYS A 387 1.67 -34.06 37.90
CA LYS A 387 0.64 -33.98 38.95
C LYS A 387 -0.58 -33.30 38.33
N THR A 388 -1.72 -34.00 38.29
CA THR A 388 -2.90 -33.47 37.59
C THR A 388 -3.79 -32.70 38.56
N PRO A 389 -4.54 -31.72 38.06
CA PRO A 389 -5.51 -31.03 38.89
C PRO A 389 -6.62 -32.01 39.31
N LYS A 390 -7.35 -31.65 40.37
CA LYS A 390 -8.46 -32.47 40.88
C LYS A 390 -9.41 -32.87 39.75
N GLY A 391 -9.74 -34.15 39.67
CA GLY A 391 -10.66 -34.67 38.65
C GLY A 391 -10.12 -34.89 37.24
N ILE A 392 -8.83 -34.59 37.03
CA ILE A 392 -8.21 -34.77 35.72
C ILE A 392 -7.36 -36.04 35.76
N THR A 393 -7.47 -36.88 34.75
CA THR A 393 -6.65 -38.09 34.67
C THR A 393 -5.94 -38.08 33.34
N VAL A 394 -4.80 -38.77 33.27
CA VAL A 394 -4.03 -38.86 32.03
C VAL A 394 -4.33 -40.20 31.39
N GLU A 395 -4.91 -40.17 30.20
CA GLU A 395 -5.30 -41.39 29.54
C GLU A 395 -4.25 -41.93 28.61
N LYS A 396 -3.43 -41.04 28.04
CA LYS A 396 -2.43 -41.46 27.06
C LYS A 396 -1.31 -40.41 26.95
N ALA A 397 -0.11 -40.86 26.59
CA ALA A 397 0.98 -39.96 26.25
C ALA A 397 1.58 -40.41 24.95
N THR A 398 1.87 -39.46 24.07
CA THR A 398 2.43 -39.74 22.76
C THR A 398 3.58 -38.80 22.47
N LEU A 399 4.64 -39.29 21.85
CA LEU A 399 5.70 -38.42 21.44
C LEU A 399 5.23 -37.67 20.19
N LEU A 400 5.30 -36.34 20.22
CA LEU A 400 4.64 -35.55 19.19
C LEU A 400 5.18 -35.86 17.82
N THR A 401 6.50 -35.92 17.71
CA THR A 401 7.14 -36.03 16.39
C THR A 401 6.86 -37.38 15.70
N THR A 402 6.85 -38.47 16.47
CA THR A 402 6.78 -39.81 15.85
C THR A 402 5.47 -40.51 16.06
N GLY A 403 4.64 -39.99 16.98
CA GLY A 403 3.41 -40.64 17.35
C GLY A 403 3.59 -41.89 18.21
N GLU A 404 4.81 -42.16 18.66
CA GLU A 404 5.04 -43.35 19.49
C GLU A 404 4.40 -43.21 20.88
N ASP A 405 3.86 -44.33 21.36
CA ASP A 405 3.16 -44.33 22.63
C ASP A 405 4.21 -44.29 23.75
N ILE A 406 3.89 -43.52 24.78
CA ILE A 406 4.80 -43.32 25.92
C ILE A 406 4.13 -43.88 27.16
N THR A 407 4.88 -44.67 27.93
CA THR A 407 4.29 -45.29 29.10
C THR A 407 3.95 -44.27 30.19
N VAL A 408 2.73 -44.39 30.71
CA VAL A 408 2.26 -43.57 31.84
C VAL A 408 1.96 -44.45 33.04
N VAL A 409 2.59 -44.15 34.17
CA VAL A 409 2.42 -44.98 35.37
C VAL A 409 1.83 -44.11 36.47
N GLU A 410 0.75 -44.56 37.09
CA GLU A 410 0.24 -43.80 38.23
C GLU A 410 1.08 -44.11 39.45
N THR A 411 1.56 -43.07 40.13
CA THR A 411 2.43 -43.34 41.28
C THR A 411 1.71 -43.14 42.60
N THR A 412 0.82 -42.15 42.65
CA THR A 412 0.00 -41.84 43.85
C THR A 412 -1.31 -41.31 43.27
N ARG A 413 -2.30 -41.01 44.11
CA ARG A 413 -3.51 -40.32 43.60
C ARG A 413 -3.09 -38.97 42.92
N ASN A 414 -3.59 -38.72 41.72
CA ASN A 414 -3.26 -37.46 41.00
C ASN A 414 -1.77 -37.27 40.64
N GLU A 415 -0.95 -38.31 40.72
CA GLU A 415 0.41 -38.15 40.25
C GLU A 415 0.83 -39.31 39.36
N TYR A 416 1.52 -38.99 38.25
CA TYR A 416 2.02 -39.97 37.30
C TYR A 416 3.51 -39.78 37.03
N ASN A 417 4.18 -40.88 36.69
CA ASN A 417 5.45 -40.80 35.98
C ASN A 417 5.17 -41.05 34.50
N VAL A 418 5.48 -40.08 33.66
CA VAL A 418 5.42 -40.26 32.20
C VAL A 418 6.84 -40.58 31.81
N SER A 419 7.04 -41.71 31.16
CA SER A 419 8.38 -42.11 30.76
CA SER A 419 8.40 -42.09 30.77
C SER A 419 9.00 -41.14 29.74
N VAL A 420 10.32 -40.91 29.80
CA VAL A 420 11.02 -40.25 28.69
C VAL A 420 10.99 -41.19 27.46
N PRO A 421 11.17 -40.65 26.26
CA PRO A 421 11.12 -41.49 25.05
C PRO A 421 12.27 -42.50 25.07
N LYS A 422 12.08 -43.63 24.38
CA LYS A 422 13.11 -44.67 24.41
C LYS A 422 14.45 -44.18 23.90
N LYS A 423 14.44 -43.28 22.91
CA LYS A 423 15.66 -42.64 22.43
C LYS A 423 15.62 -41.16 22.84
N ASN A 424 16.67 -40.69 23.50
CA ASN A 424 16.77 -39.26 23.89
C ASN A 424 16.62 -38.37 22.63
N PRO A 425 15.62 -37.48 22.60
CA PRO A 425 15.49 -36.65 21.40
C PRO A 425 16.66 -35.70 21.13
N GLY A 426 17.49 -35.41 22.12
CA GLY A 426 18.71 -34.62 21.88
C GLY A 426 18.47 -33.13 21.79
N GLU A 427 17.25 -32.72 22.11
CA GLU A 427 16.83 -31.31 22.02
C GLU A 427 15.54 -31.20 22.85
N PRO A 428 15.11 -29.97 23.20
CA PRO A 428 13.82 -29.87 23.86
C PRO A 428 12.71 -30.50 23.00
N TYR A 429 11.78 -31.22 23.62
CA TYR A 429 10.87 -32.05 22.85
C TYR A 429 9.49 -32.04 23.47
N VAL A 430 8.49 -32.58 22.75
CA VAL A 430 7.12 -32.48 23.23
C VAL A 430 6.51 -33.87 23.38
N ILE A 431 5.88 -34.09 24.52
CA ILE A 431 4.98 -35.27 24.66
C ILE A 431 3.59 -34.71 24.78
N GLN A 432 2.66 -35.25 23.97
CA GLN A 432 1.27 -34.82 24.03
C GLN A 432 0.47 -35.77 24.91
N LEU A 433 -0.24 -35.21 25.86
CA LEU A 433 -1.12 -35.97 26.77
C LEU A 433 -2.59 -35.87 26.32
N LYS A 434 -3.26 -37.01 26.35
CA LYS A 434 -4.72 -37.05 26.31
C LYS A 434 -5.18 -37.07 27.74
N VAL A 435 -5.98 -36.08 28.12
CA VAL A 435 -6.47 -36.05 29.48
C VAL A 435 -8.00 -36.13 29.49
N ARG A 436 -8.57 -36.49 30.62
CA ARG A 436 -10.03 -36.61 30.71
C ARG A 436 -10.44 -35.95 32.01
N ALA A 437 -11.52 -35.17 31.94
CA ALA A 437 -12.03 -34.47 33.11
C ALA A 437 -13.22 -35.24 33.68
N ALA A 438 -13.22 -35.44 35.00
CA ALA A 438 -14.25 -36.22 35.72
C ALA A 438 -15.69 -36.02 35.24
N GLU B 1 -21.84 34.46 -7.66
CA GLU B 1 -21.23 33.18 -7.16
C GLU B 1 -22.21 32.36 -6.28
N ILE B 2 -22.36 31.08 -6.59
CA ILE B 2 -23.12 30.14 -5.76
C ILE B 2 -22.19 29.61 -4.67
N PRO B 3 -22.58 29.73 -3.38
CA PRO B 3 -21.73 29.16 -2.31
C PRO B 3 -21.69 27.63 -2.42
N LEU B 4 -20.50 27.05 -2.37
CA LEU B 4 -20.37 25.56 -2.43
C LEU B 4 -19.38 25.00 -1.41
N LYS B 5 -19.73 23.86 -0.82
CA LYS B 5 -18.81 23.15 0.05
C LYS B 5 -17.94 22.16 -0.77
N TYR B 6 -18.50 21.64 -1.86
CA TYR B 6 -17.91 20.49 -2.60
C TYR B 6 -17.68 20.77 -4.08
N GLY B 7 -17.41 22.02 -4.41
CA GLY B 7 -17.06 22.41 -5.79
C GLY B 7 -15.56 22.40 -5.96
N ALA B 8 -15.06 23.14 -6.95
CA ALA B 8 -13.64 23.14 -7.32
C ALA B 8 -12.69 23.51 -6.20
N THR B 9 -11.52 22.89 -6.26
CA THR B 9 -10.44 23.07 -5.30
C THR B 9 -9.28 23.83 -5.98
N ASN B 10 -8.74 23.30 -7.09
CA ASN B 10 -7.71 23.98 -7.89
C ASN B 10 -8.27 25.27 -8.58
N GLU B 11 -7.45 26.31 -8.63
CA GLU B 11 -7.75 27.44 -9.50
C GLU B 11 -6.67 27.42 -10.58
N GLY B 12 -7.07 27.12 -11.81
CA GLY B 12 -6.09 27.01 -12.89
C GLY B 12 -5.33 25.67 -12.86
N LYS B 13 -4.34 25.55 -13.73
CA LYS B 13 -3.61 24.25 -13.89
C LYS B 13 -2.69 24.02 -12.68
N ARG B 14 -2.62 22.77 -12.21
CA ARG B 14 -1.57 22.42 -11.23
C ARG B 14 -0.24 22.50 -11.92
N GLN B 15 0.77 23.04 -11.23
CA GLN B 15 2.11 23.12 -11.81
C GLN B 15 3.22 22.40 -10.98
N ASP B 16 2.78 21.55 -10.05
CA ASP B 16 3.70 20.71 -9.31
C ASP B 16 4.28 19.66 -10.24
N PRO B 17 5.47 19.14 -9.92
CA PRO B 17 6.14 18.19 -10.80
C PRO B 17 5.28 16.99 -11.18
N ALA B 18 4.43 16.48 -10.26
CA ALA B 18 3.62 15.28 -10.59
C ALA B 18 2.59 15.62 -11.68
N MET B 19 1.97 16.78 -11.60
CA MET B 19 1.04 17.17 -12.68
C MET B 19 1.80 17.48 -13.98
N GLN B 20 2.99 18.08 -13.88
CA GLN B 20 3.79 18.36 -15.08
CA GLN B 20 3.81 18.36 -15.09
C GLN B 20 4.17 17.04 -15.77
N LYS B 21 4.42 16.00 -14.97
CA LYS B 21 4.73 14.67 -15.56
C LYS B 21 3.48 14.06 -16.23
N PHE B 22 2.33 14.15 -15.56
CA PHE B 22 1.05 13.62 -16.09
C PHE B 22 0.84 14.25 -17.49
N ARG B 23 1.01 15.57 -17.54
CA ARG B 23 0.85 16.31 -18.78
C ARG B 23 1.94 16.01 -19.87
N ASP B 24 3.21 16.01 -19.50
CA ASP B 24 4.28 15.85 -20.47
C ASP B 24 4.26 14.45 -21.07
N ASN B 25 3.79 13.47 -20.29
CA ASN B 25 3.66 12.10 -20.82
C ASN B 25 2.89 12.08 -22.17
N ARG B 26 1.77 12.81 -22.20
CA ARG B 26 0.90 13.00 -23.42
C ARG B 26 0.19 11.78 -23.98
N LEU B 27 0.93 10.70 -24.24
CA LEU B 27 0.33 9.55 -24.91
C LEU B 27 0.24 8.40 -23.94
N GLY B 28 -0.98 7.90 -23.77
CA GLY B 28 -1.24 6.79 -22.84
C GLY B 28 -1.89 5.66 -23.60
N ALA B 29 -1.84 4.45 -23.02
CA ALA B 29 -2.74 3.37 -23.46
C ALA B 29 -3.74 3.07 -22.35
N PHE B 30 -4.92 2.58 -22.75
CA PHE B 30 -5.94 2.11 -21.78
C PHE B 30 -6.01 0.58 -21.91
N ILE B 31 -6.13 -0.10 -20.77
CA ILE B 31 -6.42 -1.53 -20.75
C ILE B 31 -7.79 -1.74 -20.11
N HIS B 32 -8.74 -2.29 -20.88
CA HIS B 32 -9.98 -2.78 -20.32
C HIS B 32 -9.86 -4.31 -20.33
N TRP B 33 -9.71 -4.91 -19.13
CA TRP B 33 -9.60 -6.37 -19.04
C TRP B 33 -10.40 -6.77 -17.83
N GLY B 34 -11.31 -7.74 -18.04
CA GLY B 34 -12.18 -8.22 -16.95
C GLY B 34 -12.91 -9.45 -17.50
N LEU B 35 -13.93 -9.89 -16.77
CA LEU B 35 -14.58 -11.19 -17.10
C LEU B 35 -15.23 -11.15 -18.47
N TYR B 36 -15.65 -9.96 -18.88
CA TYR B 36 -16.26 -9.74 -20.20
C TYR B 36 -15.34 -10.21 -21.33
N ALA B 37 -14.01 -10.32 -21.09
CA ALA B 37 -13.13 -10.79 -22.17
C ALA B 37 -13.40 -12.27 -22.57
N ILE B 38 -13.93 -13.05 -21.61
CA ILE B 38 -14.21 -14.49 -21.82
C ILE B 38 -15.34 -14.68 -22.84
N PRO B 39 -16.56 -14.13 -22.60
CA PRO B 39 -17.56 -14.29 -23.65
C PRO B 39 -17.30 -13.43 -24.90
N GLY B 40 -16.57 -12.31 -24.74
CA GLY B 40 -16.20 -11.50 -25.91
C GLY B 40 -17.36 -11.03 -26.78
N GLY B 41 -18.45 -10.62 -26.14
CA GLY B 41 -19.61 -10.04 -26.86
C GLY B 41 -20.69 -11.06 -27.22
N GLU B 42 -20.44 -12.33 -26.90
CA GLU B 42 -21.39 -13.41 -27.28
C GLU B 42 -21.93 -14.12 -26.03
N TRP B 43 -23.25 -14.29 -25.94
CA TRP B 43 -23.80 -14.97 -24.77
C TRP B 43 -24.84 -16.00 -25.24
N ASN B 44 -24.71 -17.25 -24.78
CA ASN B 44 -25.63 -18.33 -25.23
C ASN B 44 -25.82 -18.34 -26.73
N GLY B 45 -24.69 -18.26 -27.43
CA GLY B 45 -24.64 -18.32 -28.88
C GLY B 45 -25.11 -17.10 -29.66
N LYS B 46 -25.51 -16.03 -28.99
CA LYS B 46 -25.93 -14.82 -29.68
C LYS B 46 -24.87 -13.71 -29.53
N VAL B 47 -24.46 -13.10 -30.66
CA VAL B 47 -23.48 -12.03 -30.62
C VAL B 47 -24.21 -10.70 -30.48
N TYR B 48 -23.90 -9.95 -29.43
CA TYR B 48 -24.46 -8.60 -29.22
C TYR B 48 -23.53 -7.52 -29.74
N GLY B 49 -24.09 -6.52 -30.43
CA GLY B 49 -23.30 -5.48 -31.09
C GLY B 49 -22.85 -4.38 -30.12
N GLY B 50 -23.50 -4.29 -28.96
CA GLY B 50 -23.11 -3.30 -27.95
C GLY B 50 -21.70 -3.56 -27.40
N ALA B 51 -21.15 -2.56 -26.72
CA ALA B 51 -19.81 -2.66 -26.11
C ALA B 51 -19.70 -3.94 -25.28
N ALA B 52 -18.66 -4.72 -25.56
CA ALA B 52 -18.51 -6.05 -24.96
C ALA B 52 -18.48 -6.01 -23.42
N GLU B 53 -17.86 -4.96 -22.86
CA GLU B 53 -17.73 -4.88 -21.39
C GLU B 53 -19.06 -4.65 -20.70
N TRP B 54 -20.10 -4.34 -21.50
CA TRP B 54 -21.49 -4.20 -21.02
C TRP B 54 -22.35 -5.40 -21.41
N LEU B 55 -21.75 -6.52 -21.82
CA LEU B 55 -22.54 -7.69 -22.20
C LEU B 55 -23.46 -8.22 -21.08
N LYS B 56 -23.04 -8.10 -19.82
CA LYS B 56 -23.93 -8.53 -18.75
C LYS B 56 -25.32 -7.83 -18.88
N SER B 57 -25.29 -6.57 -19.27
CA SER B 57 -26.48 -5.78 -19.49
C SER B 57 -27.25 -6.22 -20.73
N TRP B 58 -26.57 -6.26 -21.88
CA TRP B 58 -27.22 -6.57 -23.18
C TRP B 58 -27.88 -7.94 -23.15
N ALA B 59 -27.21 -8.92 -22.54
CA ALA B 59 -27.68 -10.28 -22.48
C ALA B 59 -28.53 -10.59 -21.21
N LYS B 60 -28.83 -9.57 -20.41
CA LYS B 60 -29.66 -9.70 -19.20
C LYS B 60 -29.17 -10.85 -18.32
N VAL B 61 -27.86 -10.86 -18.02
CA VAL B 61 -27.27 -11.92 -17.21
C VAL B 61 -27.31 -11.48 -15.73
N PRO B 62 -27.92 -12.30 -14.84
CA PRO B 62 -27.92 -11.93 -13.42
C PRO B 62 -26.48 -11.97 -12.88
N ALA B 63 -26.23 -11.17 -11.85
CA ALA B 63 -24.94 -11.08 -11.18
C ALA B 63 -24.28 -12.44 -10.86
N ASP B 64 -25.00 -13.33 -10.16
CA ASP B 64 -24.46 -14.66 -9.82
CA ASP B 64 -24.48 -14.66 -9.81
C ASP B 64 -23.96 -15.43 -11.04
N GLU B 65 -24.75 -15.45 -12.11
CA GLU B 65 -24.38 -16.18 -13.30
C GLU B 65 -23.20 -15.51 -14.03
N TRP B 66 -23.25 -14.19 -14.13
CA TRP B 66 -22.15 -13.45 -14.79
C TRP B 66 -20.83 -13.69 -14.05
N LEU B 67 -20.88 -13.57 -12.73
CA LEU B 67 -19.66 -13.69 -11.92
C LEU B 67 -19.08 -15.12 -11.86
N LYS B 68 -19.85 -16.13 -12.29
CA LYS B 68 -19.34 -17.48 -12.44
C LYS B 68 -18.32 -17.60 -13.55
N LEU B 69 -18.23 -16.57 -14.41
CA LEU B 69 -17.14 -16.52 -15.40
C LEU B 69 -15.78 -16.59 -14.70
N MET B 70 -15.73 -16.22 -13.42
CA MET B 70 -14.47 -16.34 -12.64
C MET B 70 -13.87 -17.76 -12.71
N ASP B 71 -14.73 -18.77 -12.80
CA ASP B 71 -14.26 -20.17 -12.87
C ASP B 71 -13.48 -20.46 -14.15
N GLN B 72 -13.68 -19.59 -15.16
CA GLN B 72 -13.01 -19.69 -16.45
C GLN B 72 -11.87 -18.67 -16.60
N TRP B 73 -11.61 -17.90 -15.56
CA TRP B 73 -10.53 -16.89 -15.61
C TRP B 73 -9.18 -17.56 -15.36
N ASN B 74 -8.49 -17.82 -16.45
CA ASN B 74 -7.21 -18.48 -16.44
C ASN B 74 -6.37 -18.02 -17.64
N PRO B 75 -5.88 -16.78 -17.59
CA PRO B 75 -5.23 -16.27 -18.79
C PRO B 75 -3.81 -16.77 -18.87
N THR B 76 -3.63 -17.99 -19.41
CA THR B 76 -2.30 -18.60 -19.36
C THR B 76 -1.25 -17.95 -20.24
N LYS B 77 -1.66 -17.16 -21.24
CA LYS B 77 -0.67 -16.46 -22.07
C LYS B 77 -0.25 -15.08 -21.47
N PHE B 78 -0.83 -14.72 -20.33
CA PHE B 78 -0.53 -13.42 -19.69
C PHE B 78 0.93 -13.34 -19.25
N ASP B 79 1.59 -12.25 -19.60
CA ASP B 79 2.96 -12.03 -19.18
C ASP B 79 3.11 -10.53 -19.04
N ALA B 80 3.11 -10.05 -17.79
CA ALA B 80 3.15 -8.59 -17.55
C ALA B 80 4.35 -7.94 -18.22
N LYS B 81 5.52 -8.62 -18.25
CA LYS B 81 6.70 -8.03 -18.91
C LYS B 81 6.50 -7.82 -20.39
N LYS B 82 5.79 -8.74 -21.03
CA LYS B 82 5.47 -8.64 -22.47
C LYS B 82 4.47 -7.49 -22.74
N TRP B 83 3.49 -7.35 -21.87
CA TRP B 83 2.55 -6.19 -21.93
C TRP B 83 3.30 -4.90 -21.79
N ALA B 84 4.21 -4.81 -20.82
CA ALA B 84 4.95 -3.55 -20.66
C ALA B 84 5.90 -3.30 -21.88
N LYS B 85 6.47 -4.37 -22.44
CA LYS B 85 7.30 -4.20 -23.63
C LYS B 85 6.49 -3.69 -24.82
N MET B 86 5.27 -4.19 -24.95
CA MET B 86 4.36 -3.75 -26.02
C MET B 86 4.08 -2.24 -25.84
N ALA B 87 3.77 -1.86 -24.60
CA ALA B 87 3.46 -0.42 -24.32
C ALA B 87 4.69 0.43 -24.60
N LYS B 88 5.87 -0.06 -24.20
CA LYS B 88 7.12 0.67 -24.41
C LYS B 88 7.38 0.86 -25.89
N GLU B 89 7.19 -0.21 -26.66
CA GLU B 89 7.46 -0.13 -28.11
C GLU B 89 6.47 0.75 -28.85
N MET B 90 5.24 0.85 -28.33
CA MET B 90 4.19 1.76 -28.88
C MET B 90 4.57 3.22 -28.61
N GLY B 91 5.42 3.45 -27.62
CA GLY B 91 5.77 4.86 -27.28
C GLY B 91 4.81 5.44 -26.25
N THR B 92 4.06 4.58 -25.54
CA THR B 92 3.16 5.11 -24.50
C THR B 92 4.01 5.48 -23.29
N LYS B 93 3.63 6.53 -22.59
CA LYS B 93 4.40 6.95 -21.41
C LYS B 93 3.64 6.58 -20.14
N TYR B 94 2.38 6.16 -20.29
CA TYR B 94 1.57 5.70 -19.16
C TYR B 94 0.48 4.76 -19.64
N VAL B 95 -0.01 3.93 -18.72
CA VAL B 95 -1.10 3.01 -19.02
C VAL B 95 -2.17 3.16 -17.95
N LYS B 96 -3.43 3.28 -18.37
CA LYS B 96 -4.57 3.35 -17.45
C LYS B 96 -5.20 1.97 -17.46
N ILE B 97 -5.37 1.37 -16.29
CA ILE B 97 -5.83 -0.03 -16.19
C ILE B 97 -7.16 -0.11 -15.45
N THR B 98 -8.11 -0.88 -16.00
CA THR B 98 -9.38 -1.12 -15.28
C THR B 98 -9.07 -1.99 -14.05
N THR B 99 -9.06 -1.37 -12.88
CA THR B 99 -8.91 -2.16 -11.63
C THR B 99 -10.18 -2.95 -11.31
N LYS B 100 -11.33 -2.39 -11.67
CA LYS B 100 -12.63 -3.02 -11.51
C LYS B 100 -13.57 -2.25 -12.46
N HIS B 101 -14.27 -2.96 -13.33
CA HIS B 101 -15.23 -2.33 -14.21
C HIS B 101 -16.64 -2.44 -13.59
N HIS B 102 -17.68 -2.05 -14.31
CA HIS B 102 -19.05 -2.11 -13.71
C HIS B 102 -19.39 -3.48 -13.15
N GLU B 103 -18.92 -4.54 -13.82
CA GLU B 103 -19.23 -5.92 -13.41
C GLU B 103 -18.79 -6.21 -11.99
N GLY B 104 -17.81 -5.43 -11.47
CA GLY B 104 -17.36 -5.57 -10.07
C GLY B 104 -16.23 -6.55 -9.80
N PHE B 105 -15.76 -7.25 -10.83
CA PHE B 105 -14.64 -8.18 -10.68
C PHE B 105 -13.34 -7.38 -10.56
N CYS B 106 -12.58 -7.67 -9.50
CA CYS B 106 -11.34 -6.91 -9.19
C CYS B 106 -10.08 -7.60 -9.72
N LEU B 107 -9.23 -6.81 -10.39
CA LEU B 107 -7.98 -7.36 -10.93
C LEU B 107 -6.88 -7.41 -9.87
N TRP B 108 -7.23 -7.01 -8.64
CA TRP B 108 -6.33 -7.18 -7.46
C TRP B 108 -7.09 -7.97 -6.41
N PRO B 109 -6.36 -8.55 -5.46
CA PRO B 109 -7.02 -9.43 -4.46
C PRO B 109 -7.66 -8.65 -3.32
N SER B 110 -8.76 -7.99 -3.62
CA SER B 110 -9.48 -7.19 -2.63
C SER B 110 -9.95 -8.07 -1.47
N LYS B 111 -9.89 -7.51 -0.28
CA LYS B 111 -10.43 -8.22 0.90
C LYS B 111 -11.88 -7.80 1.19
N TYR B 112 -12.47 -7.00 0.31
CA TYR B 112 -13.81 -6.44 0.58
C TYR B 112 -14.88 -7.03 -0.30
N THR B 113 -14.46 -7.98 -1.12
CA THR B 113 -15.39 -8.73 -1.98
C THR B 113 -14.76 -10.05 -2.34
N LYS B 114 -15.59 -11.06 -2.63
CA LYS B 114 -15.02 -12.30 -3.09
C LYS B 114 -14.81 -12.31 -4.61
N TYR B 115 -15.30 -11.28 -5.29
CA TYR B 115 -15.18 -11.27 -6.77
C TYR B 115 -13.85 -10.68 -7.23
N THR B 116 -12.78 -11.47 -7.12
CA THR B 116 -11.44 -10.96 -7.41
C THR B 116 -10.64 -12.05 -8.06
N VAL B 117 -9.53 -11.65 -8.68
CA VAL B 117 -8.55 -12.54 -9.25
C VAL B 117 -8.08 -13.65 -8.30
N ALA B 118 -8.11 -13.41 -6.99
CA ALA B 118 -7.61 -14.43 -6.06
C ALA B 118 -8.48 -15.67 -6.12
N ASN B 119 -9.77 -15.48 -6.40
CA ASN B 119 -10.73 -16.57 -6.41
C ASN B 119 -11.03 -17.08 -7.79
N THR B 120 -10.00 -17.18 -8.63
CA THR B 120 -10.12 -17.73 -9.97
C THR B 120 -9.03 -18.76 -10.03
N PRO B 121 -9.05 -19.60 -11.05
CA PRO B 121 -7.97 -20.57 -11.23
C PRO B 121 -6.58 -19.90 -11.35
N TYR B 122 -6.53 -18.69 -11.93
CA TYR B 122 -5.26 -18.03 -12.11
C TYR B 122 -4.61 -17.57 -10.82
N LYS B 123 -5.44 -17.16 -9.86
CA LYS B 123 -5.04 -16.73 -8.50
C LYS B 123 -4.23 -15.44 -8.38
N ARG B 124 -3.38 -15.15 -9.36
CA ARG B 124 -2.33 -14.13 -9.20
C ARG B 124 -2.88 -12.71 -9.22
N ASP B 125 -2.17 -11.83 -8.54
CA ASP B 125 -2.53 -10.40 -8.51
C ASP B 125 -2.10 -9.74 -9.82
N ILE B 126 -2.95 -9.86 -10.82
CA ILE B 126 -2.78 -9.23 -12.15
CA ILE B 126 -2.67 -9.26 -12.12
C ILE B 126 -2.34 -7.76 -12.04
N LEU B 127 -3.11 -7.02 -11.28
CA LEU B 127 -2.85 -5.56 -11.19
C LEU B 127 -1.43 -5.31 -10.65
N GLY B 128 -1.06 -6.02 -9.59
CA GLY B 128 0.26 -5.88 -9.00
C GLY B 128 1.35 -6.21 -10.02
N GLU B 129 1.15 -7.27 -10.78
CA GLU B 129 2.15 -7.71 -11.75
C GLU B 129 2.30 -6.64 -12.86
N LEU B 130 1.17 -6.05 -13.29
CA LEU B 130 1.22 -5.00 -14.30
C LEU B 130 1.88 -3.73 -13.75
N VAL B 131 1.56 -3.37 -12.51
CA VAL B 131 2.15 -2.12 -11.94
C VAL B 131 3.70 -2.25 -11.97
N LYS B 132 4.18 -3.39 -11.48
CA LYS B 132 5.63 -3.67 -11.44
CA LYS B 132 5.63 -3.60 -11.43
C LYS B 132 6.22 -3.61 -12.84
N ALA B 133 5.61 -4.33 -13.78
CA ALA B 133 6.17 -4.47 -15.14
C ALA B 133 6.19 -3.12 -15.89
N TYR B 134 5.11 -2.37 -15.78
CA TYR B 134 5.06 -1.07 -16.48
C TYR B 134 6.07 -0.12 -15.82
N ASN B 135 6.08 -0.08 -14.49
CA ASN B 135 7.04 0.84 -13.81
C ASN B 135 8.50 0.47 -14.16
N ASP B 136 8.77 -0.84 -14.30
CA ASP B 136 10.15 -1.26 -14.65
C ASP B 136 10.56 -0.79 -16.03
N GLU B 137 9.59 -0.49 -16.89
CA GLU B 137 9.88 0.09 -18.21
C GLU B 137 9.81 1.63 -18.18
N GLY B 138 9.66 2.20 -16.99
CA GLY B 138 9.56 3.67 -16.82
C GLY B 138 8.22 4.22 -17.27
N ILE B 139 7.20 3.36 -17.26
CA ILE B 139 5.85 3.76 -17.67
C ILE B 139 5.01 3.97 -16.43
N ASP B 140 4.35 5.15 -16.34
CA ASP B 140 3.48 5.43 -15.21
C ASP B 140 2.18 4.64 -15.29
N VAL B 141 1.62 4.31 -14.12
CA VAL B 141 0.38 3.59 -14.10
C VAL B 141 -0.73 4.41 -13.49
N HIS B 142 -1.89 4.41 -14.15
CA HIS B 142 -3.11 5.08 -13.70
C HIS B 142 -4.19 4.04 -13.49
N PHE B 143 -5.10 4.28 -12.52
CA PHE B 143 -6.10 3.26 -12.20
C PHE B 143 -7.49 3.75 -12.59
N TYR B 144 -8.12 3.05 -13.54
CA TYR B 144 -9.54 3.22 -13.79
C TYR B 144 -10.29 2.53 -12.67
N PHE B 145 -11.39 3.13 -12.19
CA PHE B 145 -12.18 2.52 -11.11
C PHE B 145 -13.64 2.92 -11.38
N SER B 146 -14.47 1.89 -11.53
CA SER B 146 -15.93 2.11 -11.67
C SER B 146 -16.57 2.21 -10.29
N VAL B 147 -17.16 3.36 -9.98
CA VAL B 147 -17.93 3.46 -8.70
C VAL B 147 -19.19 2.56 -8.79
N MET B 148 -20.01 2.73 -9.83
CA MET B 148 -21.09 1.79 -10.07
C MET B 148 -20.60 0.33 -10.07
N ASP B 149 -21.28 -0.53 -9.32
CA ASP B 149 -20.81 -1.90 -9.17
C ASP B 149 -21.99 -2.83 -9.19
N TRP B 150 -22.11 -3.58 -10.29
CA TRP B 150 -23.22 -4.51 -10.49
C TRP B 150 -23.16 -5.76 -9.62
N SER B 151 -22.03 -5.98 -8.92
CA SER B 151 -21.88 -7.19 -8.11
C SER B 151 -22.29 -6.94 -6.65
N ASN B 152 -22.45 -5.68 -6.27
CA ASN B 152 -22.77 -5.34 -4.88
C ASN B 152 -24.23 -4.93 -4.76
N PRO B 153 -25.04 -5.72 -4.05
CA PRO B 153 -26.47 -5.35 -3.98
C PRO B 153 -26.77 -4.07 -3.18
N ASP B 154 -25.79 -3.53 -2.44
CA ASP B 154 -25.93 -2.19 -1.82
C ASP B 154 -25.85 -1.01 -2.79
N TYR B 155 -25.40 -1.22 -4.03
CA TYR B 155 -25.42 -0.12 -4.99
C TYR B 155 -26.85 0.37 -5.24
N ARG B 156 -27.01 1.67 -5.46
CA ARG B 156 -28.31 2.26 -5.84
C ARG B 156 -28.11 3.23 -7.00
N TYR B 157 -29.04 3.19 -7.96
CA TYR B 157 -29.10 4.18 -9.05
C TYR B 157 -29.69 5.49 -8.60
N ASP B 158 -30.54 5.41 -7.58
CA ASP B 158 -31.14 6.62 -6.98
C ASP B 158 -31.52 6.34 -5.53
N ILE B 159 -31.70 7.42 -4.77
CA ILE B 159 -32.08 7.34 -3.35
C ILE B 159 -33.55 7.78 -3.23
N LYS B 160 -34.44 6.83 -2.97
CA LYS B 160 -35.87 7.12 -2.97
C LYS B 160 -36.59 6.55 -1.74
N SER B 161 -35.81 6.28 -0.68
CA SER B 161 -36.30 5.77 0.59
C SER B 161 -35.17 5.81 1.63
N LYS B 162 -35.52 5.57 2.89
CA LYS B 162 -34.54 5.53 3.98
C LYS B 162 -33.67 4.27 3.85
N GLU B 163 -34.27 3.16 3.44
CA GLU B 163 -33.57 1.91 3.20
C GLU B 163 -32.52 2.06 2.08
N ASP B 164 -32.85 2.82 1.04
CA ASP B 164 -31.91 3.13 -0.06
C ASP B 164 -30.68 3.85 0.50
N SER B 165 -30.95 4.87 1.31
CA SER B 165 -29.94 5.73 1.87
C SER B 165 -29.01 4.96 2.82
N ILE B 166 -29.58 4.05 3.61
CA ILE B 166 -28.78 3.15 4.47
C ILE B 166 -27.89 2.18 3.64
N ALA B 167 -28.48 1.49 2.65
CA ALA B 167 -27.68 0.63 1.79
C ALA B 167 -26.55 1.38 1.06
N PHE B 168 -26.88 2.55 0.51
CA PHE B 168 -25.92 3.28 -0.32
C PHE B 168 -24.76 3.76 0.55
N SER B 169 -25.06 4.11 1.80
CA SER B 169 -24.02 4.49 2.75
CA SER B 169 -24.04 4.49 2.77
C SER B 169 -23.02 3.36 2.97
N ARG B 170 -23.51 2.14 3.09
CA ARG B 170 -22.63 0.98 3.20
C ARG B 170 -21.85 0.82 1.90
N PHE B 171 -22.53 1.04 0.79
CA PHE B 171 -21.86 0.97 -0.52
C PHE B 171 -20.68 1.94 -0.65
N LEU B 172 -20.88 3.18 -0.22
CA LEU B 172 -19.82 4.16 -0.27
C LEU B 172 -18.67 3.82 0.63
N GLU B 173 -18.96 3.25 1.79
CA GLU B 173 -17.90 2.83 2.69
C GLU B 173 -17.06 1.68 2.08
N PHE B 174 -17.74 0.74 1.44
CA PHE B 174 -17.15 -0.41 0.73
C PHE B 174 -16.27 0.15 -0.39
N THR B 175 -16.80 1.13 -1.12
CA THR B 175 -16.00 1.80 -2.17
C THR B 175 -14.73 2.44 -1.60
N ASP B 176 -14.86 3.18 -0.51
CA ASP B 176 -13.68 3.77 0.14
C ASP B 176 -12.67 2.68 0.48
N ASN B 177 -13.15 1.59 1.07
CA ASN B 177 -12.22 0.52 1.49
C ASN B 177 -11.43 -0.06 0.34
N GLN B 178 -12.10 -0.25 -0.80
CA GLN B 178 -11.37 -0.68 -2.02
C GLN B 178 -10.37 0.36 -2.54
N LEU B 179 -10.77 1.62 -2.55
CA LEU B 179 -9.87 2.67 -3.00
C LEU B 179 -8.66 2.76 -2.08
N LYS B 180 -8.90 2.59 -0.77
CA LYS B 180 -7.77 2.61 0.17
C LYS B 180 -6.80 1.45 -0.09
N GLU B 181 -7.31 0.26 -0.42
CA GLU B 181 -6.45 -0.87 -0.81
C GLU B 181 -5.60 -0.52 -2.01
N LEU B 182 -6.24 0.02 -3.03
CA LEU B 182 -5.51 0.39 -4.25
C LEU B 182 -4.40 1.41 -4.01
N ALA B 183 -4.72 2.47 -3.26
CA ALA B 183 -3.80 3.55 -3.01
C ALA B 183 -2.61 3.11 -2.17
N THR B 184 -2.81 2.11 -1.32
CA THR B 184 -1.76 1.70 -0.35
C THR B 184 -1.04 0.43 -0.78
N ARG B 185 -1.72 -0.51 -1.45
CA ARG B 185 -1.01 -1.64 -2.00
C ARG B 185 -0.10 -1.23 -3.15
N TYR B 186 -0.53 -0.22 -3.92
CA TYR B 186 0.18 0.16 -5.18
C TYR B 186 0.48 1.64 -5.12
N PRO B 187 1.42 2.04 -4.23
CA PRO B 187 1.63 3.49 -3.98
C PRO B 187 2.29 4.25 -5.14
N THR B 188 2.77 3.54 -6.15
CA THR B 188 3.30 4.24 -7.34
C THR B 188 2.19 4.71 -8.31
N VAL B 189 0.92 4.42 -7.99
CA VAL B 189 -0.20 4.86 -8.84
C VAL B 189 -0.10 6.40 -8.97
N LYS B 190 -0.30 6.89 -10.20
CA LYS B 190 -0.21 8.34 -10.45
C LYS B 190 -1.55 9.07 -10.65
N ASP B 191 -2.61 8.29 -10.81
CA ASP B 191 -3.91 8.83 -11.20
C ASP B 191 -4.98 7.85 -10.89
N PHE B 192 -6.15 8.36 -10.47
CA PHE B 192 -7.37 7.58 -10.43
C PHE B 192 -8.36 8.19 -11.38
N TRP B 193 -8.88 7.35 -12.28
CA TRP B 193 -9.78 7.81 -13.34
C TRP B 193 -11.09 7.10 -13.03
N PHE B 194 -12.01 7.87 -12.49
CA PHE B 194 -13.28 7.30 -12.08
C PHE B 194 -14.27 7.27 -13.22
N ASP B 195 -15.09 6.25 -13.17
CA ASP B 195 -16.17 6.06 -14.14
C ASP B 195 -17.39 5.58 -13.36
N GLY B 196 -18.55 5.58 -14.02
CA GLY B 196 -19.74 5.01 -13.33
C GLY B 196 -20.19 5.88 -12.18
N THR B 197 -20.14 7.19 -12.41
CA THR B 197 -20.43 8.20 -11.39
C THR B 197 -21.56 9.15 -11.81
N TRP B 198 -22.25 8.80 -12.88
CA TRP B 198 -23.29 9.66 -13.48
C TRP B 198 -24.66 9.43 -12.82
N ASP B 199 -24.83 8.37 -12.03
CA ASP B 199 -26.17 8.06 -11.47
C ASP B 199 -26.68 9.10 -10.46
N ALA B 200 -28.00 9.21 -10.33
CA ALA B 200 -28.62 10.16 -9.38
C ALA B 200 -28.12 10.00 -7.95
N SER B 201 -27.93 8.75 -7.54
CA SER B 201 -27.37 8.45 -6.21
C SER B 201 -26.03 9.14 -5.94
N VAL B 202 -25.12 9.10 -6.92
CA VAL B 202 -23.84 9.79 -6.77
C VAL B 202 -23.98 11.31 -6.81
N LYS B 203 -24.78 11.81 -7.76
CA LYS B 203 -25.05 13.24 -7.93
C LYS B 203 -25.61 13.84 -6.64
N LYS B 204 -26.41 13.07 -5.93
CA LYS B 204 -26.98 13.50 -4.63
C LYS B 204 -25.98 13.40 -3.49
N ASN B 205 -24.84 12.77 -3.77
CA ASN B 205 -23.83 12.57 -2.77
C ASN B 205 -22.51 13.17 -3.24
N GLY B 206 -22.59 14.37 -3.77
CA GLY B 206 -21.41 15.12 -4.17
C GLY B 206 -20.34 15.21 -3.10
N TRP B 207 -20.75 15.33 -1.83
CA TRP B 207 -19.80 15.42 -0.72
C TRP B 207 -18.83 14.22 -0.76
N TRP B 208 -19.35 13.06 -1.16
CA TRP B 208 -18.56 11.83 -1.16
C TRP B 208 -17.48 11.92 -2.25
N THR B 209 -17.85 12.45 -3.41
CA THR B 209 -16.87 12.62 -4.49
C THR B 209 -15.72 13.54 -4.10
N ALA B 210 -16.05 14.64 -3.43
CA ALA B 210 -15.01 15.55 -2.89
C ALA B 210 -14.16 14.83 -1.85
N HIS B 211 -14.79 13.99 -1.03
CA HIS B 211 -14.07 13.30 0.03
C HIS B 211 -13.13 12.27 -0.59
N ALA B 212 -13.60 11.58 -1.65
CA ALA B 212 -12.78 10.56 -2.33
C ALA B 212 -11.54 11.20 -2.92
N GLU B 213 -11.69 12.37 -3.55
CA GLU B 213 -10.56 13.09 -4.10
C GLU B 213 -9.56 13.48 -2.99
N GLN B 214 -10.07 14.06 -1.89
CA GLN B 214 -9.20 14.50 -0.77
C GLN B 214 -8.48 13.30 -0.14
N MET B 215 -9.21 12.23 0.09
CA MET B 215 -8.70 10.97 0.70
C MET B 215 -7.54 10.41 -0.11
N LEU B 216 -7.73 10.32 -1.43
CA LEU B 216 -6.65 9.77 -2.29
C LEU B 216 -5.45 10.68 -2.39
N LYS B 217 -5.68 11.99 -2.41
CA LYS B 217 -4.56 12.91 -2.46
C LYS B 217 -3.76 12.87 -1.15
N GLU B 218 -4.45 12.55 -0.06
CA GLU B 218 -3.72 12.41 1.21
C GLU B 218 -2.87 11.16 1.23
N LEU B 219 -3.40 10.08 0.67
CA LEU B 219 -2.66 8.81 0.64
C LEU B 219 -1.54 8.74 -0.41
N VAL B 220 -1.73 9.41 -1.56
CA VAL B 220 -0.79 9.31 -2.64
C VAL B 220 -0.37 10.74 -3.03
N PRO B 221 0.75 11.23 -2.47
CA PRO B 221 1.13 12.61 -2.79
C PRO B 221 1.27 12.86 -4.32
N GLY B 222 0.63 13.93 -4.78
CA GLY B 222 0.74 14.30 -6.18
C GLY B 222 -0.20 13.54 -7.12
N VAL B 223 -0.96 12.58 -6.61
CA VAL B 223 -1.92 11.81 -7.47
C VAL B 223 -2.85 12.78 -8.23
N ALA B 224 -3.22 12.39 -9.46
CA ALA B 224 -4.18 13.18 -10.23
C ALA B 224 -5.52 12.47 -10.11
N ILE B 225 -6.59 13.25 -10.20
CA ILE B 225 -7.93 12.74 -10.06
C ILE B 225 -8.78 13.33 -11.22
N ASN B 226 -9.49 12.50 -11.96
CA ASN B 226 -10.26 13.03 -13.10
C ASN B 226 -11.56 13.77 -12.72
N SER B 227 -11.97 14.67 -13.60
CA SER B 227 -13.17 15.45 -13.36
C SER B 227 -14.42 14.60 -13.30
N ARG B 228 -14.40 13.44 -13.98
CA ARG B 228 -15.59 12.59 -14.06
CA ARG B 228 -15.59 12.58 -14.05
C ARG B 228 -16.03 12.07 -12.69
N LEU B 229 -15.10 12.00 -11.75
CA LEU B 229 -15.48 11.60 -10.39
C LEU B 229 -16.53 12.56 -9.80
N ARG B 230 -16.33 13.86 -10.09
CA ARG B 230 -16.75 14.93 -9.20
C ARG B 230 -18.13 15.50 -9.49
N ALA B 231 -18.88 15.71 -8.40
CA ALA B 231 -20.18 16.40 -8.44
C ALA B 231 -20.19 17.35 -7.28
N ASP B 232 -20.73 18.56 -7.50
CA ASP B 232 -20.80 19.53 -6.42
C ASP B 232 -22.06 19.38 -5.54
N ASP B 233 -22.24 20.35 -4.63
CA ASP B 233 -23.39 20.35 -3.69
C ASP B 233 -24.75 20.22 -4.41
N LYS B 234 -24.83 20.75 -5.63
CA LYS B 234 -26.06 20.75 -6.41
C LYS B 234 -26.19 19.58 -7.35
N GLY B 235 -25.19 18.71 -7.40
CA GLY B 235 -25.22 17.60 -8.31
C GLY B 235 -24.68 17.90 -9.70
N LYS B 236 -24.08 19.07 -9.89
CA LYS B 236 -23.47 19.42 -11.16
C LYS B 236 -22.13 18.67 -11.28
N ARG B 237 -21.90 18.05 -12.43
CA ARG B 237 -20.73 17.18 -12.64
C ARG B 237 -19.66 17.75 -13.53
N HIS B 238 -18.40 17.30 -13.30
CA HIS B 238 -17.21 17.77 -14.02
C HIS B 238 -16.84 19.20 -13.67
N PHE B 239 -17.73 20.14 -14.02
CA PHE B 239 -17.55 21.55 -13.71
C PHE B 239 -18.64 21.91 -12.68
N ASP B 240 -18.25 22.67 -11.66
CA ASP B 240 -19.19 22.95 -10.56
C ASP B 240 -20.20 24.04 -10.99
N SER B 241 -21.05 24.43 -10.04
CA SER B 241 -22.15 25.37 -10.31
C SER B 241 -21.66 26.73 -10.72
N ASN B 242 -20.41 27.05 -10.38
CA ASN B 242 -19.78 28.30 -10.75
C ASN B 242 -18.91 28.17 -11.99
N GLY B 243 -19.06 27.05 -12.70
CA GLY B 243 -18.32 26.82 -13.94
C GLY B 243 -16.86 26.43 -13.75
N ARG B 244 -16.48 26.02 -12.54
CA ARG B 244 -15.08 25.73 -12.28
C ARG B 244 -14.81 24.23 -12.36
N LEU B 245 -13.73 23.88 -13.05
CA LEU B 245 -13.35 22.48 -13.21
C LEU B 245 -13.05 21.87 -11.84
N MET B 246 -13.67 20.74 -11.58
CA MET B 246 -13.41 19.92 -10.39
C MET B 246 -12.41 18.80 -10.75
N GLY B 247 -11.71 18.29 -9.73
CA GLY B 247 -10.61 17.37 -10.06
C GLY B 247 -9.46 18.09 -10.75
N ASP B 248 -8.51 17.33 -11.27
CA ASP B 248 -7.26 17.92 -11.70
C ASP B 248 -7.20 18.12 -13.20
N TYR B 249 -8.11 17.48 -13.93
CA TYR B 249 -8.11 17.62 -15.39
C TYR B 249 -9.46 17.17 -15.88
N GLU B 250 -9.83 17.66 -17.06
CA GLU B 250 -11.14 17.36 -17.62
CA GLU B 250 -11.12 17.40 -17.62
C GLU B 250 -11.06 16.05 -18.38
N SER B 251 -12.02 15.15 -18.13
CA SER B 251 -12.01 13.80 -18.69
C SER B 251 -13.36 13.51 -19.38
N GLY B 252 -13.92 14.47 -20.07
CA GLY B 252 -15.17 14.20 -20.83
C GLY B 252 -15.04 13.83 -22.31
N TYR B 253 -13.87 13.98 -22.93
CA TYR B 253 -13.79 13.78 -24.41
C TYR B 253 -13.48 12.31 -24.59
N GLU B 254 -14.53 11.51 -24.71
CA GLU B 254 -14.45 10.03 -24.69
C GLU B 254 -15.03 9.73 -26.03
N ARG B 255 -14.15 9.38 -26.96
CA ARG B 255 -14.51 9.09 -28.32
C ARG B 255 -15.01 10.33 -29.11
N ARG B 256 -14.57 11.51 -28.71
CA ARG B 256 -14.84 12.77 -29.49
C ARG B 256 -13.71 13.77 -29.04
N LEU B 257 -13.46 14.84 -29.83
CA LEU B 257 -12.30 15.77 -29.54
C LEU B 257 -12.75 17.22 -29.72
N PRO B 258 -12.14 18.14 -28.99
CA PRO B 258 -12.50 19.56 -29.12
C PRO B 258 -12.18 20.09 -30.51
N ASP B 259 -13.04 20.96 -31.01
CA ASP B 259 -12.79 21.59 -32.30
C ASP B 259 -11.58 22.55 -32.32
N PRO B 260 -10.63 22.35 -33.27
CA PRO B 260 -9.40 23.14 -33.23
C PRO B 260 -9.62 24.64 -33.42
N VAL B 261 -10.78 25.03 -33.93
CA VAL B 261 -11.05 26.48 -34.12
C VAL B 261 -12.01 27.00 -33.03
N LYS B 262 -13.04 26.23 -32.73
CA LYS B 262 -14.13 26.74 -31.89
C LYS B 262 -14.01 26.40 -30.42
N ASP B 263 -13.15 25.42 -30.10
CA ASP B 263 -13.01 24.99 -28.69
C ASP B 263 -11.67 25.31 -28.03
N LEU B 264 -11.09 26.48 -28.31
CA LEU B 264 -9.80 26.88 -27.70
C LEU B 264 -9.86 27.06 -26.17
N LYS B 265 -11.07 27.13 -25.63
CA LYS B 265 -11.27 27.23 -24.19
C LYS B 265 -10.58 26.06 -23.47
N VAL B 266 -10.45 24.90 -24.14
CA VAL B 266 -9.84 23.74 -23.45
C VAL B 266 -8.36 23.96 -23.12
N THR B 267 -7.72 24.92 -23.78
CA THR B 267 -6.30 25.15 -23.54
C THR B 267 -6.05 25.75 -22.17
N GLN B 268 -7.15 26.16 -21.50
CA GLN B 268 -7.06 26.81 -20.18
C GLN B 268 -6.95 25.82 -19.02
N TRP B 269 -7.19 24.54 -19.29
CA TRP B 269 -7.08 23.52 -18.24
C TRP B 269 -6.43 22.25 -18.78
N ASP B 270 -5.93 21.40 -17.88
CA ASP B 270 -5.45 20.10 -18.32
C ASP B 270 -6.64 19.26 -18.68
N TRP B 271 -6.46 18.35 -19.64
CA TRP B 271 -7.54 17.48 -20.04
C TRP B 271 -6.94 16.24 -20.73
N GLU B 272 -7.75 15.18 -20.77
CA GLU B 272 -7.29 13.91 -21.31
C GLU B 272 -8.49 13.26 -22.04
N ALA B 273 -8.24 12.89 -23.29
CA ALA B 273 -9.24 12.23 -24.10
C ALA B 273 -8.86 10.76 -24.12
N CYS B 274 -9.86 9.90 -24.22
CA CYS B 274 -9.62 8.46 -24.38
CA CYS B 274 -9.61 8.46 -24.34
C CYS B 274 -10.38 8.01 -25.60
N MET B 275 -9.85 7.02 -26.30
CA MET B 275 -10.55 6.57 -27.51
CA MET B 275 -10.34 6.60 -27.63
C MET B 275 -10.44 5.09 -27.69
N THR B 276 -11.47 4.56 -28.36
CA THR B 276 -11.48 3.16 -28.77
C THR B 276 -10.99 3.03 -30.23
N ILE B 277 -10.54 1.81 -30.61
CA ILE B 277 -10.12 1.56 -31.98
C ILE B 277 -11.35 1.34 -32.88
N PRO B 278 -12.25 0.41 -32.50
CA PRO B 278 -13.60 0.36 -33.14
C PRO B 278 -14.43 1.53 -32.69
N GLU B 279 -15.66 1.64 -33.20
CA GLU B 279 -16.48 2.78 -32.83
C GLU B 279 -16.78 2.83 -31.33
N ASN B 280 -17.14 1.67 -30.76
CA ASN B 280 -17.57 1.67 -29.38
C ASN B 280 -17.39 0.28 -28.78
N GLN B 281 -16.13 -0.15 -28.64
CA GLN B 281 -15.76 -1.42 -27.97
C GLN B 281 -14.60 -1.08 -27.07
N TRP B 282 -14.74 -1.32 -25.76
CA TRP B 282 -13.59 -1.08 -24.85
C TRP B 282 -13.01 -2.44 -24.41
N GLY B 283 -13.85 -3.28 -23.85
CA GLY B 283 -13.40 -4.66 -23.57
C GLY B 283 -13.35 -5.47 -24.86
N TYR B 284 -12.71 -6.64 -24.79
CA TYR B 284 -12.59 -7.56 -25.93
C TYR B 284 -13.93 -7.98 -26.51
N HIS B 285 -14.15 -7.64 -27.78
CA HIS B 285 -15.26 -8.13 -28.56
C HIS B 285 -14.72 -8.98 -29.72
N LYS B 286 -15.27 -10.19 -29.89
CA LYS B 286 -14.69 -11.09 -30.88
C LYS B 286 -14.93 -10.69 -32.35
N ASP B 287 -15.88 -9.79 -32.60
CA ASP B 287 -16.24 -9.44 -33.99
C ASP B 287 -16.10 -7.94 -34.27
N TRP B 288 -14.93 -7.54 -34.76
CA TRP B 288 -14.71 -6.12 -35.06
C TRP B 288 -15.25 -5.70 -36.44
N SER B 289 -15.89 -6.63 -37.17
CA SER B 289 -16.51 -6.23 -38.45
C SER B 289 -17.84 -5.52 -38.25
N LEU B 290 -18.30 -5.43 -37.00
CA LEU B 290 -19.62 -4.89 -36.72
C LEU B 290 -19.70 -3.37 -36.78
N SER B 291 -18.54 -2.69 -36.71
CA SER B 291 -18.52 -1.23 -36.74
C SER B 291 -17.21 -0.77 -37.39
N TYR B 292 -17.09 0.55 -37.63
CA TYR B 292 -15.91 1.09 -38.30
C TYR B 292 -14.70 0.97 -37.35
N VAL B 293 -13.57 0.51 -37.89
CA VAL B 293 -12.32 0.37 -37.14
C VAL B 293 -11.30 1.39 -37.68
N LYS B 294 -10.77 2.21 -36.79
CA LYS B 294 -9.86 3.28 -37.18
C LYS B 294 -8.51 2.71 -37.64
N THR B 295 -7.93 3.32 -38.65
CA THR B 295 -6.61 2.95 -39.11
C THR B 295 -5.54 3.59 -38.20
N PRO B 296 -4.29 3.15 -38.30
CA PRO B 296 -3.26 3.77 -37.48
C PRO B 296 -3.12 5.27 -37.76
N ILE B 297 -3.22 5.70 -39.01
CA ILE B 297 -3.05 7.15 -39.25
C ILE B 297 -4.22 7.89 -38.61
N GLU B 298 -5.44 7.33 -38.72
CA GLU B 298 -6.58 7.98 -38.05
C GLU B 298 -6.33 8.17 -36.53
N VAL B 299 -5.73 7.16 -35.93
CA VAL B 299 -5.44 7.24 -34.49
C VAL B 299 -4.31 8.25 -34.21
N ILE B 300 -3.26 8.24 -35.02
CA ILE B 300 -2.18 9.19 -34.89
C ILE B 300 -2.72 10.63 -35.03
N ASP B 301 -3.64 10.85 -35.97
CA ASP B 301 -4.21 12.17 -36.15
C ASP B 301 -4.91 12.63 -34.84
N ARG B 302 -5.63 11.73 -34.19
CA ARG B 302 -6.31 12.06 -32.93
C ARG B 302 -5.29 12.35 -31.80
N ILE B 303 -4.23 11.56 -31.72
CA ILE B 303 -3.19 11.82 -30.72
C ILE B 303 -2.63 13.25 -30.90
N VAL B 304 -2.22 13.59 -32.12
CA VAL B 304 -1.58 14.89 -32.32
C VAL B 304 -2.59 16.00 -32.13
N HIS B 305 -3.80 15.79 -32.61
CA HIS B 305 -4.89 16.76 -32.39
C HIS B 305 -5.01 17.09 -30.90
N ALA B 306 -5.08 16.07 -30.05
CA ALA B 306 -5.14 16.33 -28.60
C ALA B 306 -3.97 17.18 -28.11
N VAL B 307 -2.73 16.79 -28.45
CA VAL B 307 -1.53 17.52 -27.94
C VAL B 307 -1.57 18.97 -28.44
N SER B 308 -2.01 19.12 -29.69
CA SER B 308 -2.03 20.46 -30.31
C SER B 308 -3.03 21.39 -29.58
N MET B 309 -3.92 20.84 -28.77
CA MET B 309 -4.87 21.65 -28.01
C MET B 309 -4.64 21.51 -26.50
N GLY B 310 -3.42 21.09 -26.14
CA GLY B 310 -3.05 21.05 -24.73
C GLY B 310 -3.60 19.85 -23.94
N GLY B 311 -3.93 18.76 -24.61
CA GLY B 311 -4.48 17.59 -23.97
C GLY B 311 -3.73 16.30 -24.23
N ASN B 312 -3.97 15.32 -23.34
CA ASN B 312 -3.39 13.98 -23.48
C ASN B 312 -4.35 13.12 -24.30
N MET B 313 -3.84 12.03 -24.88
CA MET B 313 -4.71 11.07 -25.58
C MET B 313 -4.33 9.69 -25.13
N VAL B 314 -5.35 8.88 -24.85
CA VAL B 314 -5.14 7.50 -24.37
C VAL B 314 -5.87 6.56 -25.37
N VAL B 315 -5.11 5.64 -25.94
CA VAL B 315 -5.65 4.69 -26.94
C VAL B 315 -5.96 3.36 -26.23
N ASN B 316 -7.21 2.92 -26.34
CA ASN B 316 -7.69 1.71 -25.63
C ASN B 316 -7.30 0.38 -26.29
N PHE B 317 -7.04 -0.61 -25.43
CA PHE B 317 -6.81 -2.01 -25.79
C PHE B 317 -7.72 -2.84 -24.95
N GLY B 318 -8.33 -3.89 -25.54
CA GLY B 318 -9.17 -4.84 -24.81
C GLY B 318 -8.54 -6.23 -24.94
N PRO B 319 -7.67 -6.59 -24.00
CA PRO B 319 -6.92 -7.87 -24.21
C PRO B 319 -7.85 -9.09 -24.25
N GLN B 320 -7.36 -10.14 -24.92
CA GLN B 320 -8.10 -11.39 -25.02
C GLN B 320 -8.20 -12.06 -23.65
N ALA B 321 -9.14 -12.99 -23.53
CA ALA B 321 -9.31 -13.76 -22.27
C ALA B 321 -8.03 -14.51 -21.92
N ASP B 322 -7.31 -14.97 -22.94
CA ASP B 322 -6.06 -15.73 -22.70
C ASP B 322 -4.87 -14.91 -22.22
N GLY B 323 -5.03 -13.59 -22.14
CA GLY B 323 -3.88 -12.79 -21.70
C GLY B 323 -2.99 -12.25 -22.82
N ASP B 324 -3.30 -12.59 -24.07
CA ASP B 324 -2.61 -11.98 -25.20
C ASP B 324 -3.44 -10.86 -25.85
N PHE B 325 -2.83 -10.13 -26.78
CA PHE B 325 -3.52 -9.09 -27.59
C PHE B 325 -3.89 -9.60 -28.96
N ARG B 326 -5.07 -9.24 -29.43
CA ARG B 326 -5.51 -9.56 -30.79
C ARG B 326 -4.60 -8.94 -31.86
N PRO B 327 -4.56 -9.56 -33.06
CA PRO B 327 -3.64 -9.08 -34.15
C PRO B 327 -3.84 -7.60 -34.48
N GLU B 328 -5.10 -7.12 -34.48
CA GLU B 328 -5.34 -5.70 -34.88
C GLU B 328 -4.68 -4.75 -33.88
N GLU B 329 -4.70 -5.14 -32.61
CA GLU B 329 -4.09 -4.28 -31.57
C GLU B 329 -2.58 -4.33 -31.61
N LYS B 330 -2.01 -5.52 -31.90
CA LYS B 330 -0.59 -5.57 -32.07
C LYS B 330 -0.15 -4.72 -33.27
N ALA B 331 -0.91 -4.74 -34.35
CA ALA B 331 -0.54 -3.94 -35.55
C ALA B 331 -0.65 -2.45 -35.24
N MET B 332 -1.71 -2.08 -34.52
CA MET B 332 -1.87 -0.67 -34.14
C MET B 332 -0.71 -0.19 -33.28
N ALA B 333 -0.39 -0.92 -32.23
CA ALA B 333 0.69 -0.53 -31.35
C ALA B 333 2.04 -0.42 -32.09
N THR B 334 2.29 -1.36 -32.99
CA THR B 334 3.50 -1.34 -33.75
C THR B 334 3.55 -0.13 -34.68
N ALA B 335 2.43 0.17 -35.36
CA ALA B 335 2.39 1.32 -36.29
C ALA B 335 2.54 2.64 -35.51
N ILE B 336 1.84 2.77 -34.37
CA ILE B 336 1.98 3.99 -33.57
C ILE B 336 3.41 4.12 -33.07
N GLY B 337 3.99 3.01 -32.61
CA GLY B 337 5.38 3.01 -32.14
C GLY B 337 6.40 3.46 -33.18
N LYS B 338 6.24 3.00 -34.41
CA LYS B 338 7.20 3.37 -35.45
C LYS B 338 7.08 4.89 -35.67
N TRP B 339 5.84 5.37 -35.72
CA TRP B 339 5.62 6.82 -35.97
C TRP B 339 6.18 7.65 -34.79
N MET B 340 5.90 7.23 -33.55
CA MET B 340 6.31 8.01 -32.36
C MET B 340 7.85 7.98 -32.26
N ASN B 341 8.45 6.87 -32.67
CA ASN B 341 9.94 6.84 -32.66
C ASN B 341 10.53 7.89 -33.60
N ARG B 342 9.88 8.12 -34.73
CA ARG B 342 10.36 9.09 -35.69
C ARG B 342 9.99 10.51 -35.34
N TYR B 343 8.74 10.70 -34.88
CA TYR B 343 8.12 12.04 -34.80
C TYR B 343 7.76 12.49 -33.39
N GLY B 344 8.02 11.64 -32.40
CA GLY B 344 7.58 11.90 -31.03
C GLY B 344 8.10 13.18 -30.35
N LYS B 345 9.14 13.77 -30.90
CA LYS B 345 9.61 15.08 -30.36
C LYS B 345 8.52 16.15 -30.45
N ALA B 346 7.56 15.92 -31.37
CA ALA B 346 6.44 16.85 -31.61
C ALA B 346 5.26 16.51 -30.75
N VAL B 347 5.38 15.43 -29.96
CA VAL B 347 4.29 14.99 -29.11
C VAL B 347 4.63 15.09 -27.59
N TYR B 348 5.63 14.33 -27.15
CA TYR B 348 6.00 14.27 -25.72
C TYR B 348 6.38 15.68 -25.27
N ALA B 349 5.86 16.09 -24.09
CA ALA B 349 6.22 17.37 -23.46
C ALA B 349 5.86 18.54 -24.37
N CYS B 350 4.92 18.34 -25.32
CA CYS B 350 4.45 19.45 -26.16
C CYS B 350 3.08 19.95 -25.76
N ASP B 351 2.68 21.09 -26.34
CA ASP B 351 1.49 21.75 -25.92
C ASP B 351 0.96 22.65 -27.04
N TYR B 352 -0.13 23.34 -26.72
CA TYR B 352 -0.76 24.30 -27.65
C TYR B 352 0.21 25.41 -28.03
N ALA B 353 0.28 25.73 -29.35
CA ALA B 353 1.28 26.64 -29.89
C ALA B 353 0.76 28.09 -30.02
N GLY B 354 -0.55 28.27 -29.92
CA GLY B 354 -1.18 29.61 -30.08
C GLY B 354 -1.13 30.17 -31.51
N PHE B 355 -1.06 29.28 -32.51
CA PHE B 355 -1.03 29.72 -33.95
C PHE B 355 -2.42 29.43 -34.54
N GLU B 356 -2.83 30.21 -35.55
CA GLU B 356 -4.07 29.97 -36.25
CA GLU B 356 -4.10 29.94 -36.21
C GLU B 356 -4.05 28.58 -36.93
N LYS B 357 -5.15 27.84 -36.83
CA LYS B 357 -5.20 26.46 -37.39
C LYS B 357 -5.08 26.50 -38.93
N GLN B 358 -4.25 25.65 -39.52
CA GLN B 358 -4.13 25.57 -40.98
C GLN B 358 -4.59 24.16 -41.41
N ASP B 359 -4.93 24.05 -42.71
CA ASP B 359 -5.60 22.82 -43.17
C ASP B 359 -4.66 21.63 -43.31
N TRP B 360 -3.35 21.85 -43.33
CA TRP B 360 -2.42 20.74 -43.59
C TRP B 360 -2.24 19.86 -42.35
N GLY B 361 -2.72 20.29 -41.20
CA GLY B 361 -2.47 19.49 -39.97
C GLY B 361 -2.40 20.39 -38.74
N TYR B 362 -1.50 20.05 -37.81
CA TYR B 362 -1.52 20.66 -36.47
C TYR B 362 -0.18 21.25 -36.13
N TYR B 363 -0.20 22.34 -35.36
CA TYR B 363 1.02 22.76 -34.70
C TYR B 363 1.10 22.20 -33.29
N THR B 364 2.32 21.94 -32.83
CA THR B 364 2.54 21.75 -31.38
C THR B 364 3.79 22.58 -31.00
N ARG B 365 3.91 22.87 -29.72
CA ARG B 365 4.99 23.73 -29.24
C ARG B 365 5.79 22.94 -28.19
N GLY B 366 7.12 22.89 -28.35
CA GLY B 366 7.99 22.19 -27.39
C GLY B 366 8.33 23.10 -26.20
N LYS B 367 9.18 22.59 -25.30
CA LYS B 367 9.53 23.32 -24.04
C LYS B 367 10.44 24.51 -24.24
N ASN B 368 11.13 24.54 -25.37
CA ASN B 368 12.05 25.64 -25.65
C ASN B 368 11.68 26.39 -26.92
N ASP B 369 10.41 26.75 -26.99
CA ASP B 369 9.81 27.49 -28.11
C ASP B 369 9.93 26.85 -29.50
N GLU B 370 10.28 25.56 -29.61
CA GLU B 370 10.22 24.88 -30.92
C GLU B 370 8.76 24.93 -31.36
N VAL B 371 8.51 25.18 -32.64
CA VAL B 371 7.10 25.05 -33.10
C VAL B 371 7.10 23.97 -34.19
N TYR B 372 6.34 22.92 -33.97
CA TYR B 372 6.32 21.76 -34.89
C TYR B 372 5.08 21.82 -35.74
N MET B 373 5.27 21.65 -37.05
CA MET B 373 4.18 21.46 -38.00
C MET B 373 4.02 19.97 -38.23
N VAL B 374 2.85 19.42 -37.92
CA VAL B 374 2.63 17.99 -38.12
C VAL B 374 1.65 17.88 -39.26
N VAL B 375 2.17 17.43 -40.39
CA VAL B 375 1.42 17.49 -41.66
C VAL B 375 0.69 16.18 -41.91
N PHE B 376 -0.64 16.25 -41.94
CA PHE B 376 -1.53 15.13 -42.28
C PHE B 376 -2.14 15.23 -43.66
N ASN B 377 -2.25 16.44 -44.21
CA ASN B 377 -2.98 16.64 -45.49
C ASN B 377 -2.04 17.42 -46.38
N GLN B 378 -1.53 16.73 -47.39
CA GLN B 378 -0.46 17.25 -48.23
C GLN B 378 -0.98 18.15 -49.34
N PRO B 379 -0.62 19.43 -49.33
CA PRO B 379 -1.22 20.32 -50.36
C PRO B 379 -0.66 20.06 -51.77
N TYR B 380 -1.56 19.92 -52.77
CA TYR B 380 -1.10 19.90 -54.17
C TYR B 380 -0.29 21.16 -54.55
N SER B 381 -0.54 22.27 -53.85
CA SER B 381 0.26 23.45 -54.12
C SER B 381 1.73 23.32 -53.75
N GLU B 382 2.06 22.28 -52.96
CA GLU B 382 3.46 22.02 -52.48
C GLU B 382 3.94 23.08 -51.51
N ARG B 383 3.00 23.82 -50.96
CA ARG B 383 3.30 24.90 -50.03
C ARG B 383 2.41 24.77 -48.81
N LEU B 384 3.01 24.88 -47.62
CA LEU B 384 2.27 24.77 -46.37
C LEU B 384 2.16 26.17 -45.78
N ILE B 385 0.95 26.66 -45.66
CA ILE B 385 0.72 28.05 -45.17
C ILE B 385 0.97 28.14 -43.68
N VAL B 386 1.80 29.11 -43.28
CA VAL B 386 2.01 29.40 -41.85
C VAL B 386 1.73 30.90 -41.63
N LYS B 387 0.67 31.16 -40.87
CA LYS B 387 0.35 32.51 -40.41
C LYS B 387 0.80 32.62 -38.97
N THR B 388 1.67 33.60 -38.72
CA THR B 388 2.29 33.69 -37.39
C THR B 388 1.50 34.71 -36.56
N PRO B 389 1.48 34.51 -35.23
CA PRO B 389 0.91 35.54 -34.36
C PRO B 389 1.68 36.87 -34.49
N LYS B 390 1.06 37.97 -34.06
CA LYS B 390 1.71 39.31 -34.13
C LYS B 390 3.07 39.26 -33.44
N GLY B 391 4.10 39.74 -34.12
CA GLY B 391 5.43 39.82 -33.54
C GLY B 391 6.26 38.56 -33.64
N ILE B 392 5.72 37.51 -34.28
CA ILE B 392 6.46 36.26 -34.39
C ILE B 392 6.94 36.08 -35.84
N THR B 393 8.21 35.79 -36.02
CA THR B 393 8.73 35.49 -37.34
C THR B 393 9.25 34.04 -37.39
N VAL B 394 9.25 33.47 -38.58
CA VAL B 394 9.84 32.16 -38.81
C VAL B 394 11.25 32.34 -39.36
N GLU B 395 12.24 31.88 -38.62
CA GLU B 395 13.63 32.03 -39.02
C GLU B 395 14.18 30.86 -39.81
N LYS B 396 13.64 29.66 -39.58
CA LYS B 396 14.16 28.46 -40.24
C LYS B 396 13.07 27.37 -40.16
N ALA B 397 13.09 26.49 -41.15
CA ALA B 397 12.28 25.26 -41.15
C ALA B 397 13.21 24.10 -41.43
N THR B 398 12.99 22.97 -40.73
CA THR B 398 13.82 21.80 -40.87
C THR B 398 12.95 20.56 -40.89
N LEU B 399 13.24 19.63 -41.79
CA LEU B 399 12.56 18.32 -41.76
C LEU B 399 13.09 17.55 -40.53
N LEU B 400 12.17 17.18 -39.64
CA LEU B 400 12.59 16.63 -38.31
C LEU B 400 13.45 15.38 -38.51
N THR B 401 13.02 14.45 -39.35
CA THR B 401 13.73 13.18 -39.50
C THR B 401 15.13 13.28 -40.11
N THR B 402 15.33 14.20 -41.07
CA THR B 402 16.62 14.24 -41.78
C THR B 402 17.48 15.43 -41.37
N GLY B 403 16.90 16.43 -40.73
CA GLY B 403 17.62 17.68 -40.46
C GLY B 403 17.79 18.57 -41.70
N GLU B 404 17.21 18.16 -42.82
CA GLU B 404 17.38 18.94 -44.04
C GLU B 404 16.65 20.28 -43.95
N ASP B 405 17.24 21.30 -44.56
CA ASP B 405 16.64 22.63 -44.51
C ASP B 405 15.44 22.70 -45.47
N ILE B 406 14.42 23.41 -45.07
CA ILE B 406 13.17 23.52 -45.84
C ILE B 406 12.98 25.01 -46.12
N THR B 407 12.76 25.35 -47.39
CA THR B 407 12.64 26.74 -47.76
C THR B 407 11.41 27.39 -47.11
N VAL B 408 11.59 28.60 -46.61
CA VAL B 408 10.49 29.38 -46.05
C VAL B 408 10.42 30.67 -46.89
N VAL B 409 9.25 30.97 -47.45
CA VAL B 409 9.06 32.16 -48.31
C VAL B 409 8.02 33.04 -47.65
N GLU B 410 8.37 34.30 -47.40
CA GLU B 410 7.38 35.23 -46.92
C GLU B 410 6.38 35.60 -48.03
N THR B 411 5.09 35.51 -47.75
CA THR B 411 4.09 35.83 -48.76
C THR B 411 3.41 37.17 -48.46
N THR B 412 3.14 37.42 -47.18
CA THR B 412 2.53 38.70 -46.76
C THR B 412 3.10 39.00 -45.38
N ARG B 413 2.69 40.12 -44.78
CA ARG B 413 3.05 40.36 -43.38
C ARG B 413 2.36 39.20 -42.60
N ASN B 414 3.11 38.63 -41.68
CA ASN B 414 2.67 37.51 -40.85
CA ASN B 414 2.58 37.55 -40.86
C ASN B 414 2.21 36.25 -41.57
N GLU B 415 2.57 36.08 -42.85
CA GLU B 415 2.31 34.81 -43.54
CA GLU B 415 2.31 34.81 -43.54
C GLU B 415 3.49 34.31 -44.38
N TYR B 416 3.74 32.99 -44.31
CA TYR B 416 4.77 32.33 -45.09
C TYR B 416 4.21 31.13 -45.82
N ASN B 417 4.89 30.70 -46.88
CA ASN B 417 4.71 29.35 -47.42
C ASN B 417 5.96 28.59 -47.00
N VAL B 418 5.75 27.46 -46.32
CA VAL B 418 6.85 26.58 -45.98
C VAL B 418 6.77 25.49 -47.02
N SER B 419 7.87 25.23 -47.74
CA SER B 419 7.81 24.24 -48.81
C SER B 419 7.61 22.83 -48.24
N VAL B 420 6.90 21.98 -48.98
CA VAL B 420 6.90 20.56 -48.63
C VAL B 420 8.32 20.01 -48.93
N PRO B 421 8.69 18.88 -48.28
CA PRO B 421 10.02 18.30 -48.58
C PRO B 421 10.13 17.87 -50.04
N LYS B 422 11.34 17.94 -50.60
CA LYS B 422 11.57 17.52 -52.00
C LYS B 422 11.12 16.10 -52.25
N LYS B 423 11.38 15.20 -51.30
CA LYS B 423 10.88 13.83 -51.38
C LYS B 423 9.66 13.71 -50.43
N ASN B 424 8.51 13.29 -50.97
CA ASN B 424 7.30 13.11 -50.18
C ASN B 424 7.53 12.06 -49.07
N PRO B 425 7.37 12.45 -47.78
CA PRO B 425 7.56 11.46 -46.72
C PRO B 425 6.66 10.23 -46.77
N GLY B 426 5.51 10.32 -47.42
CA GLY B 426 4.64 9.15 -47.67
C GLY B 426 3.87 8.72 -46.42
N GLU B 427 3.87 9.60 -45.42
CA GLU B 427 3.18 9.40 -44.11
C GLU B 427 3.07 10.79 -43.46
N PRO B 428 2.24 10.94 -42.43
CA PRO B 428 2.23 12.22 -41.72
C PRO B 428 3.62 12.52 -41.20
N TYR B 429 4.04 13.78 -41.30
CA TYR B 429 5.42 14.08 -41.01
C TYR B 429 5.55 15.41 -40.31
N VAL B 430 6.75 15.70 -39.78
CA VAL B 430 6.98 16.92 -39.03
C VAL B 430 8.06 17.81 -39.63
N ILE B 431 7.73 19.10 -39.71
CA ILE B 431 8.70 20.17 -39.98
C ILE B 431 8.80 21.00 -38.72
N GLN B 432 10.06 21.18 -38.25
CA GLN B 432 10.30 21.95 -37.07
C GLN B 432 10.66 23.38 -37.47
N LEU B 433 9.97 24.33 -36.88
CA LEU B 433 10.24 25.74 -37.14
C LEU B 433 11.05 26.32 -35.97
N LYS B 434 12.01 27.17 -36.35
CA LYS B 434 12.69 28.08 -35.39
C LYS B 434 12.02 29.42 -35.53
N VAL B 435 11.40 29.91 -34.45
CA VAL B 435 10.65 31.18 -34.49
C VAL B 435 11.32 32.21 -33.60
N ARG B 436 11.02 33.48 -33.81
CA ARG B 436 11.61 34.55 -33.00
C ARG B 436 10.50 35.51 -32.64
N ALA B 437 10.48 35.93 -31.38
CA ALA B 437 9.48 36.88 -30.90
C ALA B 437 10.12 38.26 -30.82
N ALA B 438 9.41 39.29 -31.28
CA ALA B 438 9.96 40.65 -31.33
C ALA B 438 10.03 41.30 -29.95
N LYS B 439 10.98 42.24 -29.79
CA LYS B 439 11.16 42.99 -28.53
C LYS B 439 10.09 44.05 -28.37
#